data_2MFS
#
_entry.id   2MFS
#
_entity_poly.entity_id   1
_entity_poly.type   'polypeptide(L)'
_entity_poly.pdbx_seq_one_letter_code
;CVLIGQRCDNDRGPRCCSGQGNCVPLPFLGGVCAV
;
_entity_poly.pdbx_strand_id   A
#
# COMPACT_ATOMS: atom_id res chain seq x y z
N CYS A 1 -8.51 5.01 -0.10
CA CYS A 1 -7.25 4.53 -0.63
C CYS A 1 -6.11 5.38 -0.09
N VAL A 2 -4.93 4.79 0.00
CA VAL A 2 -3.77 5.50 0.50
C VAL A 2 -2.81 5.83 -0.63
N LEU A 3 -1.86 6.68 -0.32
CA LEU A 3 -0.98 7.22 -1.31
C LEU A 3 0.42 6.63 -1.18
N ILE A 4 1.32 6.99 -2.09
CA ILE A 4 2.69 6.47 -2.09
C ILE A 4 3.45 6.83 -0.82
N GLY A 5 4.14 5.85 -0.27
CA GLY A 5 4.90 6.04 0.96
C GLY A 5 4.07 5.80 2.20
N GLN A 6 2.76 5.73 2.03
CA GLN A 6 1.87 5.44 3.13
C GLN A 6 1.69 3.94 3.17
N ARG A 7 1.43 3.40 4.32
CA ARG A 7 1.40 1.97 4.46
C ARG A 7 0.04 1.42 4.11
N CYS A 8 0.05 0.26 3.56
CA CYS A 8 -1.13 -0.36 3.06
C CYS A 8 -1.10 -1.84 3.40
N ASP A 9 -2.15 -2.53 3.06
CA ASP A 9 -2.23 -3.96 3.22
C ASP A 9 -3.18 -4.44 2.16
N ASN A 10 -2.67 -5.24 1.27
CA ASN A 10 -3.40 -5.72 0.08
C ASN A 10 -4.69 -6.43 0.41
N ASP A 11 -4.68 -7.21 1.44
CA ASP A 11 -5.84 -8.02 1.77
C ASP A 11 -6.80 -7.34 2.72
N ARG A 12 -6.29 -6.78 3.78
CA ARG A 12 -7.13 -6.23 4.82
C ARG A 12 -7.47 -4.78 4.58
N GLY A 13 -6.56 -4.09 3.95
CA GLY A 13 -6.71 -2.67 3.75
C GLY A 13 -5.81 -1.94 4.71
N PRO A 14 -5.47 -0.67 4.47
CA PRO A 14 -5.95 0.09 3.31
C PRO A 14 -5.16 -0.26 2.04
N ARG A 15 -5.67 0.16 0.93
CA ARG A 15 -5.03 -0.10 -0.36
C ARG A 15 -4.75 1.22 -1.05
N CYS A 16 -3.79 1.19 -1.94
CA CYS A 16 -3.29 2.36 -2.66
C CYS A 16 -4.29 2.87 -3.65
N CYS A 17 -4.27 4.17 -3.89
CA CYS A 17 -5.13 4.75 -4.89
C CYS A 17 -4.64 4.28 -6.26
N SER A 18 -5.60 4.05 -7.16
CA SER A 18 -5.39 3.43 -8.47
C SER A 18 -4.32 4.17 -9.31
N GLY A 19 -4.12 5.45 -9.06
CA GLY A 19 -3.11 6.19 -9.78
C GLY A 19 -1.91 6.52 -8.91
N GLN A 20 -1.79 5.83 -7.79
CA GLN A 20 -0.70 6.06 -6.85
C GLN A 20 0.43 5.07 -7.02
N GLY A 21 0.19 3.84 -6.70
CA GLY A 21 1.23 2.86 -6.77
C GLY A 21 0.71 1.51 -6.46
N ASN A 22 1.56 0.55 -6.47
CA ASN A 22 1.20 -0.80 -6.13
C ASN A 22 1.48 -0.99 -4.66
N CYS A 23 0.60 -1.68 -3.98
CA CYS A 23 0.79 -1.96 -2.58
C CYS A 23 1.76 -3.12 -2.46
N VAL A 24 3.01 -2.80 -2.21
CA VAL A 24 4.01 -3.80 -2.09
C VAL A 24 4.06 -4.21 -0.63
N PRO A 25 3.82 -5.47 -0.32
CA PRO A 25 3.77 -5.95 1.04
C PRO A 25 5.12 -5.89 1.75
N LEU A 26 5.07 -5.53 3.00
CA LEU A 26 6.23 -5.41 3.83
C LEU A 26 6.11 -6.37 4.99
N PRO A 27 7.24 -6.96 5.42
CA PRO A 27 7.30 -7.98 6.50
C PRO A 27 6.38 -7.71 7.69
N PHE A 28 6.53 -6.57 8.32
CA PHE A 28 5.73 -6.26 9.50
C PHE A 28 4.86 -5.03 9.32
N LEU A 29 5.25 -4.15 8.44
CA LEU A 29 4.47 -2.94 8.19
C LEU A 29 3.28 -3.20 7.27
N GLY A 30 3.11 -4.43 6.86
CA GLY A 30 1.96 -4.80 6.03
C GLY A 30 2.25 -4.61 4.57
N GLY A 31 2.56 -3.39 4.23
CA GLY A 31 2.85 -3.05 2.89
C GLY A 31 2.96 -1.57 2.74
N VAL A 32 3.40 -1.14 1.60
CA VAL A 32 3.52 0.27 1.31
C VAL A 32 3.26 0.52 -0.16
N CYS A 33 2.67 1.63 -0.43
CA CYS A 33 2.36 2.03 -1.78
C CYS A 33 3.60 2.61 -2.44
N ALA A 34 4.03 1.97 -3.51
CA ALA A 34 5.23 2.38 -4.20
C ALA A 34 5.04 2.19 -5.69
N VAL A 35 5.74 2.95 -6.47
CA VAL A 35 5.65 2.88 -7.91
C VAL A 35 6.63 1.83 -8.42
N CYS A 1 -8.67 5.39 -0.03
CA CYS A 1 -7.46 4.71 -0.47
C CYS A 1 -6.25 5.48 0.07
N VAL A 2 -5.09 4.85 0.06
CA VAL A 2 -3.88 5.47 0.58
C VAL A 2 -2.88 5.75 -0.54
N LEU A 3 -1.97 6.68 -0.28
CA LEU A 3 -1.01 7.10 -1.28
C LEU A 3 0.34 6.41 -1.05
N ILE A 4 1.34 6.71 -1.88
CA ILE A 4 2.66 6.11 -1.76
C ILE A 4 3.32 6.35 -0.40
N GLY A 5 3.97 5.33 0.11
CA GLY A 5 4.67 5.41 1.37
C GLY A 5 3.78 5.15 2.56
N GLN A 6 2.49 5.17 2.34
CA GLN A 6 1.53 4.91 3.38
C GLN A 6 1.32 3.43 3.45
N ARG A 7 0.88 2.97 4.59
CA ARG A 7 0.71 1.56 4.82
C ARG A 7 -0.64 1.12 4.33
N CYS A 8 -0.63 0.07 3.59
CA CYS A 8 -1.80 -0.47 3.00
C CYS A 8 -1.89 -1.95 3.33
N ASP A 9 -2.99 -2.56 2.92
CA ASP A 9 -3.18 -3.98 3.07
C ASP A 9 -4.06 -4.44 1.93
N ASN A 10 -3.61 -5.41 1.18
CA ASN A 10 -4.34 -5.87 0.00
C ASN A 10 -5.52 -6.73 0.38
N ASP A 11 -5.47 -7.31 1.55
CA ASP A 11 -6.50 -8.24 1.96
C ASP A 11 -7.66 -7.50 2.56
N ARG A 12 -7.41 -6.74 3.60
CA ARG A 12 -8.46 -6.06 4.33
C ARG A 12 -8.57 -4.59 4.00
N GLY A 13 -7.50 -4.03 3.51
CA GLY A 13 -7.50 -2.63 3.22
C GLY A 13 -6.72 -1.87 4.27
N PRO A 14 -6.42 -0.60 4.06
CA PRO A 14 -6.80 0.13 2.85
C PRO A 14 -5.85 -0.17 1.67
N ARG A 15 -6.30 0.07 0.47
CA ARG A 15 -5.50 -0.13 -0.71
C ARG A 15 -5.02 1.19 -1.24
N CYS A 16 -4.13 1.13 -2.18
CA CYS A 16 -3.50 2.30 -2.75
C CYS A 16 -4.39 2.92 -3.79
N CYS A 17 -4.33 4.23 -3.91
CA CYS A 17 -5.08 4.93 -4.93
C CYS A 17 -4.41 4.65 -6.28
N SER A 18 -5.16 4.71 -7.34
CA SER A 18 -4.64 4.46 -8.66
C SER A 18 -3.68 5.58 -9.04
N GLY A 19 -2.44 5.20 -9.28
CA GLY A 19 -1.41 6.16 -9.56
C GLY A 19 -0.52 6.33 -8.35
N GLN A 20 -0.83 5.59 -7.31
CA GLN A 20 -0.08 5.63 -6.09
C GLN A 20 0.63 4.32 -5.88
N GLY A 21 1.10 3.77 -6.97
CA GLY A 21 1.84 2.56 -6.90
C GLY A 21 0.98 1.36 -6.74
N ASN A 22 1.56 0.34 -6.20
CA ASN A 22 0.91 -0.91 -5.92
C ASN A 22 1.11 -1.17 -4.46
N CYS A 23 0.23 -1.90 -3.84
CA CYS A 23 0.36 -2.20 -2.43
C CYS A 23 1.27 -3.39 -2.28
N VAL A 24 2.51 -3.13 -1.98
CA VAL A 24 3.49 -4.16 -1.84
C VAL A 24 3.64 -4.50 -0.37
N PRO A 25 3.35 -5.73 0.01
CA PRO A 25 3.49 -6.18 1.39
C PRO A 25 4.97 -6.32 1.73
N LEU A 26 5.37 -5.73 2.84
CA LEU A 26 6.75 -5.71 3.23
C LEU A 26 6.92 -6.19 4.68
N PRO A 27 8.09 -6.79 5.00
CA PRO A 27 8.41 -7.35 6.33
C PRO A 27 7.98 -6.50 7.53
N PHE A 28 8.59 -5.35 7.72
CA PHE A 28 8.32 -4.55 8.90
C PHE A 28 7.32 -3.44 8.65
N LEU A 29 7.21 -3.03 7.42
CA LEU A 29 6.28 -1.97 7.06
C LEU A 29 4.86 -2.52 6.86
N GLY A 30 4.73 -3.83 6.79
CA GLY A 30 3.45 -4.46 6.59
C GLY A 30 3.10 -4.50 5.14
N GLY A 31 2.92 -3.35 4.58
CA GLY A 31 2.64 -3.20 3.20
C GLY A 31 2.52 -1.76 2.91
N VAL A 32 3.13 -1.33 1.85
CA VAL A 32 3.11 0.07 1.50
C VAL A 32 2.85 0.25 0.03
N CYS A 33 2.30 1.37 -0.29
CA CYS A 33 2.07 1.74 -1.64
C CYS A 33 3.36 2.25 -2.23
N ALA A 34 3.84 1.57 -3.24
CA ALA A 34 5.09 1.92 -3.85
C ALA A 34 4.93 1.86 -5.34
N VAL A 35 5.37 2.91 -6.00
CA VAL A 35 5.30 2.97 -7.44
C VAL A 35 6.61 2.51 -8.06
N CYS A 1 -8.62 5.33 -0.06
CA CYS A 1 -7.42 4.64 -0.45
C CYS A 1 -6.21 5.44 0.04
N VAL A 2 -5.08 4.78 0.18
CA VAL A 2 -3.86 5.41 0.65
C VAL A 2 -2.91 5.71 -0.50
N LEU A 3 -1.96 6.57 -0.23
CA LEU A 3 -1.08 7.07 -1.26
C LEU A 3 0.33 6.48 -1.11
N ILE A 4 1.25 6.87 -1.99
CA ILE A 4 2.64 6.37 -1.97
C ILE A 4 3.34 6.60 -0.62
N GLY A 5 4.01 5.57 -0.14
CA GLY A 5 4.75 5.65 1.10
C GLY A 5 3.92 5.33 2.31
N GLN A 6 2.62 5.40 2.14
CA GLN A 6 1.69 5.11 3.19
C GLN A 6 1.52 3.61 3.30
N ARG A 7 1.05 3.17 4.44
CA ARG A 7 0.93 1.78 4.77
C ARG A 7 -0.36 1.23 4.25
N CYS A 8 -0.27 0.13 3.55
CA CYS A 8 -1.43 -0.46 2.96
C CYS A 8 -1.51 -1.94 3.32
N ASP A 9 -2.61 -2.54 2.95
CA ASP A 9 -2.85 -3.96 3.12
C ASP A 9 -3.70 -4.40 1.96
N ASN A 10 -3.15 -5.31 1.18
CA ASN A 10 -3.74 -5.79 -0.08
C ASN A 10 -5.13 -6.36 0.09
N ASP A 11 -5.31 -7.14 1.13
CA ASP A 11 -6.59 -7.82 1.33
C ASP A 11 -7.56 -7.01 2.18
N ARG A 12 -7.14 -6.67 3.38
CA ARG A 12 -8.03 -6.07 4.36
C ARG A 12 -8.20 -4.59 4.15
N GLY A 13 -7.17 -3.97 3.65
CA GLY A 13 -7.19 -2.55 3.48
C GLY A 13 -6.34 -1.89 4.54
N PRO A 14 -5.98 -0.61 4.39
CA PRO A 14 -6.38 0.20 3.24
C PRO A 14 -5.57 -0.16 1.99
N ARG A 15 -6.13 0.14 0.86
CA ARG A 15 -5.51 -0.13 -0.41
C ARG A 15 -5.05 1.16 -1.03
N CYS A 16 -4.09 1.06 -1.89
CA CYS A 16 -3.48 2.18 -2.55
C CYS A 16 -4.37 2.72 -3.63
N CYS A 17 -4.35 4.04 -3.81
CA CYS A 17 -5.12 4.68 -4.85
C CYS A 17 -4.55 4.29 -6.22
N SER A 18 -5.35 4.47 -7.27
CA SER A 18 -5.02 4.04 -8.63
C SER A 18 -3.59 4.42 -9.07
N GLY A 19 -3.27 5.70 -9.01
CA GLY A 19 -1.97 6.15 -9.48
C GLY A 19 -0.95 6.25 -8.37
N GLN A 20 -1.13 5.45 -7.35
CA GLN A 20 -0.25 5.48 -6.21
C GLN A 20 0.56 4.20 -6.14
N GLY A 21 0.83 3.63 -7.30
CA GLY A 21 1.64 2.45 -7.36
C GLY A 21 0.85 1.20 -7.16
N ASN A 22 1.45 0.31 -6.45
CA ASN A 22 0.82 -0.93 -6.07
C ASN A 22 1.09 -1.12 -4.62
N CYS A 23 0.27 -1.87 -3.96
CA CYS A 23 0.46 -2.15 -2.57
C CYS A 23 1.44 -3.28 -2.45
N VAL A 24 2.65 -2.94 -2.16
CA VAL A 24 3.67 -3.92 -2.01
C VAL A 24 3.85 -4.21 -0.52
N PRO A 25 3.65 -5.47 -0.10
CA PRO A 25 3.78 -5.85 1.29
C PRO A 25 5.23 -5.81 1.78
N LEU A 26 5.40 -5.34 2.98
CA LEU A 26 6.69 -5.22 3.61
C LEU A 26 6.70 -6.06 4.88
N PRO A 27 7.79 -6.84 5.11
CA PRO A 27 7.93 -7.79 6.23
C PRO A 27 7.38 -7.29 7.59
N PHE A 28 7.82 -6.14 8.03
CA PHE A 28 7.39 -5.61 9.32
C PHE A 28 6.31 -4.57 9.15
N LEU A 29 6.47 -3.74 8.15
CA LEU A 29 5.61 -2.57 8.01
C LEU A 29 4.22 -2.93 7.49
N GLY A 30 4.07 -4.12 6.97
CA GLY A 30 2.82 -4.54 6.44
C GLY A 30 2.79 -4.39 4.97
N GLY A 31 2.88 -3.17 4.53
CA GLY A 31 2.92 -2.89 3.13
C GLY A 31 2.89 -1.43 2.90
N VAL A 32 3.38 -1.01 1.76
CA VAL A 32 3.37 0.40 1.38
C VAL A 32 3.02 0.54 -0.09
N CYS A 33 2.45 1.65 -0.43
CA CYS A 33 2.12 1.97 -1.79
C CYS A 33 3.35 2.50 -2.48
N ALA A 34 3.73 1.89 -3.59
CA ALA A 34 4.93 2.30 -4.27
C ALA A 34 4.77 2.12 -5.76
N VAL A 35 5.18 3.09 -6.50
CA VAL A 35 5.12 3.05 -7.94
C VAL A 35 6.54 2.96 -8.52
N CYS A 1 -8.37 5.29 0.26
CA CYS A 1 -7.17 4.73 -0.30
C CYS A 1 -5.96 5.52 0.17
N VAL A 2 -4.82 4.87 0.27
CA VAL A 2 -3.60 5.51 0.71
C VAL A 2 -2.68 5.80 -0.46
N LEU A 3 -1.66 6.58 -0.22
CA LEU A 3 -0.74 7.00 -1.24
C LEU A 3 0.60 6.31 -1.05
N ILE A 4 1.57 6.61 -1.92
CA ILE A 4 2.91 5.99 -1.84
C ILE A 4 3.59 6.24 -0.49
N GLY A 5 4.15 5.19 0.05
CA GLY A 5 4.87 5.24 1.30
C GLY A 5 4.01 4.85 2.47
N GLN A 6 2.72 5.01 2.32
CA GLN A 6 1.78 4.67 3.35
C GLN A 6 1.48 3.21 3.32
N ARG A 7 1.13 2.69 4.45
CA ARG A 7 0.88 1.28 4.61
C ARG A 7 -0.55 0.95 4.26
N CYS A 8 -0.74 -0.20 3.70
CA CYS A 8 -2.02 -0.60 3.22
C CYS A 8 -2.20 -2.09 3.43
N ASP A 9 -3.36 -2.59 3.11
CA ASP A 9 -3.66 -4.00 3.21
C ASP A 9 -4.58 -4.36 2.07
N ASN A 10 -4.10 -5.22 1.21
CA ASN A 10 -4.84 -5.66 0.02
C ASN A 10 -6.12 -6.37 0.35
N ASP A 11 -6.12 -7.08 1.46
CA ASP A 11 -7.24 -7.93 1.82
C ASP A 11 -8.34 -7.16 2.47
N ARG A 12 -8.01 -6.49 3.53
CA ARG A 12 -8.98 -5.83 4.38
C ARG A 12 -9.12 -4.36 4.06
N GLY A 13 -8.13 -3.81 3.41
CA GLY A 13 -8.12 -2.41 3.11
C GLY A 13 -7.35 -1.66 4.16
N PRO A 14 -6.93 -0.43 3.90
CA PRO A 14 -7.15 0.25 2.64
C PRO A 14 -6.08 -0.12 1.62
N ARG A 15 -6.29 0.21 0.37
CA ARG A 15 -5.30 -0.03 -0.64
C ARG A 15 -4.82 1.29 -1.21
N CYS A 16 -3.89 1.23 -2.10
CA CYS A 16 -3.35 2.40 -2.77
C CYS A 16 -4.38 3.05 -3.67
N CYS A 17 -4.33 4.35 -3.78
CA CYS A 17 -5.15 5.06 -4.74
C CYS A 17 -4.60 4.75 -6.13
N SER A 18 -5.44 4.85 -7.14
CA SER A 18 -5.06 4.61 -8.49
C SER A 18 -3.97 5.61 -8.90
N GLY A 19 -2.79 5.09 -9.15
CA GLY A 19 -1.67 5.92 -9.51
C GLY A 19 -0.68 6.04 -8.37
N GLN A 20 -0.98 5.39 -7.27
CA GLN A 20 -0.12 5.40 -6.10
C GLN A 20 0.57 4.07 -5.91
N GLY A 21 0.89 3.43 -7.01
CA GLY A 21 1.59 2.19 -6.94
C GLY A 21 0.70 1.02 -6.64
N ASN A 22 1.20 0.16 -5.84
CA ASN A 22 0.53 -1.03 -5.41
C ASN A 22 1.07 -1.35 -4.05
N CYS A 23 0.34 -2.13 -3.30
CA CYS A 23 0.79 -2.57 -2.00
C CYS A 23 1.90 -3.57 -2.18
N VAL A 24 3.10 -3.09 -2.05
CA VAL A 24 4.27 -3.88 -2.17
C VAL A 24 4.70 -4.24 -0.75
N PRO A 25 4.89 -5.53 -0.49
CA PRO A 25 5.24 -6.01 0.84
C PRO A 25 6.54 -5.40 1.35
N LEU A 26 6.45 -4.85 2.54
CA LEU A 26 7.56 -4.23 3.21
C LEU A 26 7.79 -5.01 4.48
N PRO A 27 9.04 -5.41 4.80
CA PRO A 27 9.37 -6.23 5.98
C PRO A 27 9.31 -5.44 7.31
N PHE A 28 8.27 -4.69 7.46
CA PHE A 28 8.01 -3.88 8.63
C PHE A 28 6.53 -3.76 8.84
N LEU A 29 5.91 -3.03 7.94
CA LEU A 29 4.53 -2.64 8.07
C LEU A 29 3.60 -3.59 7.31
N GLY A 30 4.17 -4.61 6.72
CA GLY A 30 3.40 -5.56 5.98
C GLY A 30 3.43 -5.24 4.52
N GLY A 31 2.67 -4.27 4.14
CA GLY A 31 2.65 -3.83 2.79
C GLY A 31 2.42 -2.36 2.73
N VAL A 32 3.13 -1.71 1.83
CA VAL A 32 2.98 -0.27 1.65
C VAL A 32 2.88 0.04 0.17
N CYS A 33 2.31 1.17 -0.14
CA CYS A 33 2.17 1.58 -1.51
C CYS A 33 3.48 2.04 -2.08
N ALA A 34 3.87 1.44 -3.18
CA ALA A 34 5.09 1.77 -3.84
C ALA A 34 4.89 1.66 -5.33
N VAL A 35 5.51 2.54 -6.05
CA VAL A 35 5.44 2.55 -7.49
C VAL A 35 6.55 1.70 -8.09
N CYS A 1 -8.48 5.66 0.33
CA CYS A 1 -7.38 4.87 -0.15
C CYS A 1 -6.10 5.45 0.42
N VAL A 2 -5.01 4.74 0.28
CA VAL A 2 -3.75 5.24 0.71
C VAL A 2 -2.87 5.58 -0.44
N LEU A 3 -1.92 6.43 -0.18
CA LEU A 3 -1.09 6.99 -1.20
C LEU A 3 0.34 6.47 -1.03
N ILE A 4 1.24 6.89 -1.91
CA ILE A 4 2.64 6.46 -1.87
C ILE A 4 3.30 6.72 -0.51
N GLY A 5 4.00 5.73 -0.03
CA GLY A 5 4.69 5.82 1.23
C GLY A 5 3.83 5.47 2.42
N GLN A 6 2.54 5.33 2.20
CA GLN A 6 1.63 4.93 3.24
C GLN A 6 1.45 3.43 3.19
N ARG A 7 1.07 2.85 4.31
CA ARG A 7 0.99 1.41 4.41
C ARG A 7 -0.33 0.89 3.91
N CYS A 8 -0.27 -0.26 3.32
CA CYS A 8 -1.39 -0.85 2.65
C CYS A 8 -1.52 -2.32 2.94
N ASP A 9 -2.69 -2.77 2.70
CA ASP A 9 -3.07 -4.15 2.83
C ASP A 9 -4.19 -4.39 1.83
N ASN A 10 -3.93 -5.26 0.89
CA ASN A 10 -4.82 -5.51 -0.23
C ASN A 10 -6.16 -6.10 0.17
N ASP A 11 -6.14 -7.03 1.08
CA ASP A 11 -7.38 -7.72 1.43
C ASP A 11 -8.11 -7.08 2.59
N ARG A 12 -7.39 -6.58 3.55
CA ARG A 12 -8.01 -6.05 4.76
C ARG A 12 -8.11 -4.53 4.77
N GLY A 13 -7.39 -3.89 3.88
CA GLY A 13 -7.40 -2.46 3.82
C GLY A 13 -6.37 -1.85 4.75
N PRO A 14 -5.90 -0.63 4.51
CA PRO A 14 -6.33 0.18 3.37
C PRO A 14 -5.55 -0.15 2.10
N ARG A 15 -6.11 0.18 0.97
CA ARG A 15 -5.48 -0.10 -0.30
C ARG A 15 -5.06 1.18 -0.97
N CYS A 16 -4.07 1.07 -1.83
CA CYS A 16 -3.47 2.20 -2.53
C CYS A 16 -4.36 2.65 -3.67
N CYS A 17 -4.44 3.95 -3.90
CA CYS A 17 -5.13 4.43 -5.09
C CYS A 17 -4.37 4.04 -6.36
N SER A 18 -5.08 3.91 -7.47
CA SER A 18 -4.52 3.40 -8.74
C SER A 18 -3.21 4.06 -9.16
N GLY A 19 -3.16 5.39 -9.09
CA GLY A 19 -1.95 6.09 -9.49
C GLY A 19 -0.99 6.31 -8.33
N GLN A 20 -1.23 5.64 -7.24
CA GLN A 20 -0.44 5.77 -6.04
C GLN A 20 0.46 4.58 -5.84
N GLY A 21 0.97 4.05 -6.92
CA GLY A 21 1.88 2.96 -6.83
C GLY A 21 1.17 1.64 -6.80
N ASN A 22 1.86 0.68 -6.31
CA ASN A 22 1.37 -0.65 -6.19
C ASN A 22 1.46 -1.01 -4.74
N CYS A 23 0.57 -1.85 -4.28
CA CYS A 23 0.59 -2.26 -2.90
C CYS A 23 1.59 -3.40 -2.77
N VAL A 24 2.78 -3.06 -2.36
CA VAL A 24 3.84 -4.03 -2.22
C VAL A 24 4.06 -4.34 -0.73
N PRO A 25 4.00 -5.63 -0.36
CA PRO A 25 4.12 -6.05 1.03
C PRO A 25 5.52 -5.80 1.62
N LEU A 26 5.55 -5.39 2.86
CA LEU A 26 6.77 -5.08 3.55
C LEU A 26 6.91 -5.94 4.79
N PRO A 27 8.14 -6.28 5.18
CA PRO A 27 8.41 -7.13 6.36
C PRO A 27 7.66 -6.71 7.64
N PHE A 28 7.98 -5.53 8.15
CA PHE A 28 7.43 -5.09 9.43
C PHE A 28 6.23 -4.20 9.21
N LEU A 29 6.32 -3.34 8.22
CA LEU A 29 5.30 -2.33 7.95
C LEU A 29 4.06 -2.87 7.23
N GLY A 30 4.06 -4.16 6.94
CA GLY A 30 2.92 -4.78 6.32
C GLY A 30 2.96 -4.67 4.83
N GLY A 31 2.86 -3.48 4.34
CA GLY A 31 2.90 -3.23 2.94
C GLY A 31 2.86 -1.76 2.70
N VAL A 32 3.26 -1.34 1.55
CA VAL A 32 3.28 0.08 1.26
C VAL A 32 2.89 0.32 -0.17
N CYS A 33 2.45 1.49 -0.42
CA CYS A 33 2.13 1.94 -1.75
C CYS A 33 3.41 2.51 -2.34
N ALA A 34 3.97 1.80 -3.29
CA ALA A 34 5.23 2.19 -3.85
C ALA A 34 5.32 1.77 -5.28
N VAL A 35 6.24 2.33 -5.98
CA VAL A 35 6.46 1.99 -7.36
C VAL A 35 7.94 2.17 -7.70
N CYS A 1 -8.65 4.90 0.35
CA CYS A 1 -7.40 4.36 -0.19
C CYS A 1 -6.25 5.25 0.26
N VAL A 2 -5.03 4.71 0.22
CA VAL A 2 -3.85 5.45 0.63
C VAL A 2 -3.00 5.81 -0.56
N LEU A 3 -2.03 6.67 -0.33
CA LEU A 3 -1.18 7.19 -1.39
C LEU A 3 0.23 6.59 -1.29
N ILE A 4 1.14 7.02 -2.15
CA ILE A 4 2.53 6.52 -2.14
C ILE A 4 3.22 6.72 -0.77
N GLY A 5 3.96 5.71 -0.36
CA GLY A 5 4.71 5.74 0.89
C GLY A 5 3.87 5.32 2.07
N GLN A 6 2.58 5.39 1.91
CA GLN A 6 1.66 5.04 2.94
C GLN A 6 1.49 3.54 2.99
N ARG A 7 1.14 3.07 4.16
CA ARG A 7 1.05 1.67 4.46
C ARG A 7 -0.33 1.17 4.07
N CYS A 8 -0.37 0.09 3.35
CA CYS A 8 -1.61 -0.43 2.86
C CYS A 8 -1.70 -1.92 3.17
N ASP A 9 -2.87 -2.48 2.95
CA ASP A 9 -3.11 -3.89 3.13
C ASP A 9 -4.12 -4.31 2.12
N ASN A 10 -3.77 -5.30 1.35
CA ASN A 10 -4.59 -5.76 0.24
C ASN A 10 -5.82 -6.49 0.74
N ASP A 11 -5.66 -7.22 1.82
CA ASP A 11 -6.71 -8.05 2.36
C ASP A 11 -7.76 -7.26 3.09
N ARG A 12 -7.34 -6.51 4.07
CA ARG A 12 -8.22 -5.78 4.96
C ARG A 12 -8.47 -4.37 4.51
N GLY A 13 -7.56 -3.87 3.71
CA GLY A 13 -7.64 -2.51 3.28
C GLY A 13 -6.78 -1.66 4.18
N PRO A 14 -6.42 -0.46 3.79
CA PRO A 14 -6.81 0.10 2.51
C PRO A 14 -5.76 -0.22 1.45
N ARG A 15 -6.11 -0.02 0.20
CA ARG A 15 -5.18 -0.23 -0.88
C ARG A 15 -4.77 1.12 -1.42
N CYS A 16 -3.92 1.10 -2.40
CA CYS A 16 -3.41 2.30 -3.02
C CYS A 16 -4.48 2.93 -3.89
N CYS A 17 -4.56 4.25 -3.87
CA CYS A 17 -5.46 4.94 -4.79
C CYS A 17 -4.91 4.75 -6.19
N SER A 18 -5.77 4.83 -7.19
CA SER A 18 -5.37 4.64 -8.56
C SER A 18 -4.32 5.68 -8.95
N GLY A 19 -3.11 5.22 -9.20
CA GLY A 19 -2.02 6.10 -9.54
C GLY A 19 -1.09 6.32 -8.37
N GLN A 20 -1.22 5.50 -7.34
CA GLN A 20 -0.39 5.64 -6.15
C GLN A 20 0.51 4.45 -5.92
N GLY A 21 0.89 3.79 -6.97
CA GLY A 21 1.77 2.67 -6.83
C GLY A 21 1.02 1.41 -6.56
N ASN A 22 1.72 0.42 -6.09
CA ASN A 22 1.14 -0.85 -5.76
C ASN A 22 1.59 -1.21 -4.39
N CYS A 23 0.78 -1.98 -3.71
CA CYS A 23 1.12 -2.46 -2.39
C CYS A 23 2.28 -3.42 -2.46
N VAL A 24 3.44 -2.90 -2.20
CA VAL A 24 4.61 -3.69 -2.13
C VAL A 24 4.79 -4.10 -0.67
N PRO A 25 4.63 -5.39 -0.39
CA PRO A 25 4.66 -5.89 0.96
C PRO A 25 6.06 -5.90 1.56
N LEU A 26 6.11 -5.56 2.80
CA LEU A 26 7.32 -5.51 3.57
C LEU A 26 7.01 -6.12 4.91
N PRO A 27 7.68 -7.22 5.24
CA PRO A 27 7.40 -8.06 6.43
C PRO A 27 7.82 -7.41 7.75
N PHE A 28 7.39 -6.20 7.94
CA PHE A 28 7.68 -5.43 9.13
C PHE A 28 6.45 -4.60 9.43
N LEU A 29 6.09 -3.76 8.48
CA LEU A 29 4.97 -2.86 8.63
C LEU A 29 3.79 -3.28 7.78
N GLY A 30 3.93 -4.36 7.05
CA GLY A 30 2.85 -4.83 6.22
C GLY A 30 3.15 -4.64 4.76
N GLY A 31 3.02 -3.42 4.32
CA GLY A 31 3.29 -3.11 2.95
C GLY A 31 3.00 -1.67 2.70
N VAL A 32 3.56 -1.14 1.66
CA VAL A 32 3.37 0.27 1.33
C VAL A 32 3.06 0.44 -0.15
N CYS A 33 2.44 1.52 -0.47
CA CYS A 33 2.14 1.86 -1.84
C CYS A 33 3.33 2.51 -2.48
N ALA A 34 3.99 1.82 -3.37
CA ALA A 34 5.14 2.33 -4.01
C ALA A 34 5.15 1.93 -5.46
N VAL A 35 5.83 2.70 -6.26
CA VAL A 35 5.97 2.40 -7.66
C VAL A 35 7.27 1.64 -7.86
N CYS A 1 -8.52 5.34 0.25
CA CYS A 1 -7.29 4.80 -0.33
C CYS A 1 -6.08 5.50 0.27
N VAL A 2 -4.96 4.81 0.29
CA VAL A 2 -3.72 5.37 0.80
C VAL A 2 -2.75 5.66 -0.33
N LEU A 3 -1.71 6.37 -0.01
CA LEU A 3 -0.76 6.84 -0.97
C LEU A 3 0.56 6.10 -0.87
N ILE A 4 1.49 6.44 -1.74
CA ILE A 4 2.82 5.86 -1.73
C ILE A 4 3.53 6.13 -0.40
N GLY A 5 4.17 5.11 0.11
CA GLY A 5 4.90 5.24 1.35
C GLY A 5 4.03 4.99 2.57
N GLN A 6 2.72 4.98 2.37
CA GLN A 6 1.80 4.74 3.45
C GLN A 6 1.49 3.26 3.54
N ARG A 7 1.01 2.84 4.69
CA ARG A 7 0.76 1.44 4.96
C ARG A 7 -0.60 1.03 4.46
N CYS A 8 -0.60 0.03 3.64
CA CYS A 8 -1.78 -0.49 3.01
C CYS A 8 -1.93 -1.97 3.35
N ASP A 9 -3.02 -2.56 2.88
CA ASP A 9 -3.27 -4.00 3.00
C ASP A 9 -4.02 -4.41 1.76
N ASN A 10 -3.51 -5.40 1.06
CA ASN A 10 -4.11 -5.83 -0.23
C ASN A 10 -5.41 -6.54 -0.06
N ASP A 11 -5.57 -7.21 1.03
CA ASP A 11 -6.72 -8.07 1.22
C ASP A 11 -7.87 -7.36 1.87
N ARG A 12 -7.59 -6.64 2.92
CA ARG A 12 -8.63 -5.98 3.68
C ARG A 12 -8.66 -4.49 3.45
N GLY A 13 -7.57 -3.94 3.04
CA GLY A 13 -7.50 -2.52 2.88
C GLY A 13 -6.83 -1.88 4.08
N PRO A 14 -6.50 -0.59 4.02
CA PRO A 14 -6.75 0.28 2.88
C PRO A 14 -5.84 -0.05 1.69
N ARG A 15 -6.32 0.23 0.53
CA ARG A 15 -5.61 -0.02 -0.70
C ARG A 15 -5.11 1.30 -1.26
N CYS A 16 -4.16 1.23 -2.13
CA CYS A 16 -3.51 2.38 -2.73
C CYS A 16 -4.46 3.09 -3.68
N CYS A 17 -4.39 4.41 -3.71
CA CYS A 17 -5.19 5.22 -4.62
C CYS A 17 -4.80 4.88 -6.06
N SER A 18 -5.71 5.11 -6.98
CA SER A 18 -5.48 4.83 -8.38
C SER A 18 -4.35 5.70 -8.91
N GLY A 19 -3.20 5.10 -9.13
CA GLY A 19 -2.03 5.82 -9.57
C GLY A 19 -1.09 6.05 -8.41
N GLN A 20 -1.10 5.14 -7.45
CA GLN A 20 -0.24 5.21 -6.28
C GLN A 20 0.53 3.95 -6.10
N GLY A 21 0.91 3.36 -7.19
CA GLY A 21 1.68 2.16 -7.15
C GLY A 21 0.88 0.96 -6.79
N ASN A 22 1.57 -0.04 -6.42
CA ASN A 22 1.00 -1.27 -5.99
C ASN A 22 1.25 -1.39 -4.52
N CYS A 23 0.33 -1.97 -3.81
CA CYS A 23 0.49 -2.21 -2.41
C CYS A 23 1.44 -3.37 -2.22
N VAL A 24 2.69 -3.08 -1.98
CA VAL A 24 3.69 -4.08 -1.86
C VAL A 24 3.92 -4.37 -0.38
N PRO A 25 3.83 -5.62 0.03
CA PRO A 25 4.07 -6.02 1.41
C PRO A 25 5.56 -5.97 1.77
N LEU A 26 5.86 -5.27 2.82
CA LEU A 26 7.19 -5.15 3.39
C LEU A 26 7.11 -5.65 4.82
N PRO A 27 7.85 -6.70 5.18
CA PRO A 27 7.80 -7.37 6.51
C PRO A 27 7.60 -6.44 7.74
N PHE A 28 8.38 -5.39 7.87
CA PHE A 28 8.28 -4.53 9.07
C PHE A 28 7.27 -3.41 8.88
N LEU A 29 7.05 -3.02 7.66
CA LEU A 29 6.19 -1.88 7.37
C LEU A 29 4.77 -2.33 7.07
N GLY A 30 4.60 -3.62 7.02
CA GLY A 30 3.34 -4.21 6.71
C GLY A 30 3.19 -4.30 5.23
N GLY A 31 2.87 -3.19 4.66
CA GLY A 31 2.72 -3.08 3.26
C GLY A 31 2.62 -1.64 2.94
N VAL A 32 3.28 -1.23 1.90
CA VAL A 32 3.29 0.16 1.52
C VAL A 32 3.06 0.28 0.03
N CYS A 33 2.40 1.32 -0.34
CA CYS A 33 2.15 1.61 -1.72
C CYS A 33 3.45 2.07 -2.37
N ALA A 34 3.84 1.39 -3.43
CA ALA A 34 5.07 1.65 -4.08
C ALA A 34 4.88 1.51 -5.57
N VAL A 35 5.39 2.45 -6.31
CA VAL A 35 5.29 2.43 -7.74
C VAL A 35 6.25 1.42 -8.33
N CYS A 1 -8.42 5.27 0.48
CA CYS A 1 -7.26 4.62 -0.10
C CYS A 1 -6.01 5.41 0.28
N VAL A 2 -4.86 4.77 0.23
CA VAL A 2 -3.63 5.41 0.63
C VAL A 2 -2.74 5.74 -0.56
N LEU A 3 -1.78 6.61 -0.32
CA LEU A 3 -0.92 7.13 -1.38
C LEU A 3 0.48 6.53 -1.25
N ILE A 4 1.42 6.93 -2.10
CA ILE A 4 2.79 6.40 -2.07
C ILE A 4 3.48 6.64 -0.72
N GLY A 5 4.21 5.64 -0.27
CA GLY A 5 4.93 5.73 1.00
C GLY A 5 4.05 5.43 2.20
N GLN A 6 2.76 5.47 1.98
CA GLN A 6 1.81 5.18 3.01
C GLN A 6 1.64 3.70 3.13
N ARG A 7 1.21 3.30 4.29
CA ARG A 7 1.12 1.92 4.64
C ARG A 7 -0.18 1.34 4.17
N CYS A 8 -0.09 0.25 3.50
CA CYS A 8 -1.22 -0.41 2.94
C CYS A 8 -1.26 -1.86 3.40
N ASP A 9 -2.30 -2.54 3.01
CA ASP A 9 -2.45 -3.96 3.23
C ASP A 9 -3.21 -4.47 2.05
N ASN A 10 -2.60 -5.44 1.38
CA ASN A 10 -3.09 -6.00 0.14
C ASN A 10 -4.48 -6.58 0.26
N ASP A 11 -4.70 -7.34 1.31
CA ASP A 11 -5.97 -8.01 1.44
C ASP A 11 -6.99 -7.22 2.24
N ARG A 12 -6.62 -6.80 3.43
CA ARG A 12 -7.60 -6.16 4.31
C ARG A 12 -7.73 -4.68 4.06
N GLY A 13 -6.70 -4.09 3.52
CA GLY A 13 -6.73 -2.68 3.28
C GLY A 13 -6.02 -1.92 4.38
N PRO A 14 -5.77 -0.62 4.22
CA PRO A 14 -6.16 0.12 3.02
C PRO A 14 -5.26 -0.20 1.82
N ARG A 15 -5.72 0.16 0.66
CA ARG A 15 -5.02 -0.08 -0.56
C ARG A 15 -4.68 1.23 -1.21
N CYS A 16 -3.80 1.18 -2.14
CA CYS A 16 -3.30 2.34 -2.84
C CYS A 16 -4.36 2.89 -3.75
N CYS A 17 -4.46 4.21 -3.84
CA CYS A 17 -5.40 4.84 -4.74
C CYS A 17 -4.97 4.56 -6.18
N SER A 18 -5.92 4.53 -7.09
CA SER A 18 -5.68 4.24 -8.48
C SER A 18 -4.85 5.37 -9.10
N GLY A 19 -3.58 5.11 -9.29
CA GLY A 19 -2.68 6.10 -9.81
C GLY A 19 -1.53 6.32 -8.87
N GLN A 20 -1.69 5.79 -7.66
CA GLN A 20 -0.66 5.88 -6.65
C GLN A 20 0.33 4.76 -6.80
N GLY A 21 -0.17 3.58 -7.01
CA GLY A 21 0.72 2.48 -7.16
C GLY A 21 0.12 1.18 -6.76
N ASN A 22 0.97 0.26 -6.52
CA ASN A 22 0.64 -1.06 -6.09
C ASN A 22 1.13 -1.21 -4.69
N CYS A 23 0.44 -1.98 -3.91
CA CYS A 23 0.80 -2.18 -2.54
C CYS A 23 1.88 -3.25 -2.45
N VAL A 24 3.09 -2.83 -2.18
CA VAL A 24 4.18 -3.76 -2.00
C VAL A 24 4.28 -4.07 -0.51
N PRO A 25 4.06 -5.33 -0.14
CA PRO A 25 4.03 -5.71 1.26
C PRO A 25 5.40 -5.75 1.94
N LEU A 26 5.38 -5.44 3.21
CA LEU A 26 6.55 -5.49 4.07
C LEU A 26 6.21 -6.35 5.26
N PRO A 27 7.11 -7.31 5.62
CA PRO A 27 6.89 -8.29 6.71
C PRO A 27 6.18 -7.74 7.97
N PHE A 28 6.74 -6.72 8.56
CA PHE A 28 6.16 -6.14 9.77
C PHE A 28 5.26 -5.00 9.42
N LEU A 29 5.76 -4.15 8.56
CA LEU A 29 5.17 -2.86 8.28
C LEU A 29 3.93 -2.93 7.39
N GLY A 30 3.56 -4.13 7.00
CA GLY A 30 2.35 -4.34 6.25
C GLY A 30 2.56 -4.19 4.77
N GLY A 31 2.88 -3.01 4.38
CA GLY A 31 3.12 -2.72 3.02
C GLY A 31 3.10 -1.27 2.79
N VAL A 32 3.64 -0.85 1.68
CA VAL A 32 3.65 0.55 1.30
C VAL A 32 3.27 0.67 -0.17
N CYS A 33 2.62 1.75 -0.48
CA CYS A 33 2.24 2.02 -1.84
C CYS A 33 3.41 2.59 -2.61
N ALA A 34 3.66 2.04 -3.77
CA ALA A 34 4.74 2.42 -4.60
C ALA A 34 4.39 2.06 -6.02
N VAL A 35 5.15 2.54 -6.95
CA VAL A 35 4.94 2.31 -8.38
C VAL A 35 4.77 0.81 -8.73
N CYS A 1 -8.75 6.12 -0.28
CA CYS A 1 -7.56 5.41 -0.70
C CYS A 1 -6.33 6.08 -0.10
N VAL A 2 -5.32 5.29 0.22
CA VAL A 2 -4.08 5.80 0.80
C VAL A 2 -3.05 6.06 -0.29
N LEU A 3 -1.89 6.55 0.07
CA LEU A 3 -0.92 6.97 -0.92
C LEU A 3 0.39 6.17 -0.85
N ILE A 4 1.38 6.54 -1.68
CA ILE A 4 2.70 5.89 -1.74
C ILE A 4 3.38 5.91 -0.37
N GLY A 5 3.96 4.79 0.01
CA GLY A 5 4.68 4.70 1.27
C GLY A 5 3.78 4.43 2.44
N GLN A 6 2.50 4.45 2.21
CA GLN A 6 1.55 4.16 3.24
C GLN A 6 1.19 2.69 3.19
N ARG A 7 0.86 2.16 4.33
CA ARG A 7 0.63 0.75 4.50
C ARG A 7 -0.81 0.43 4.17
N CYS A 8 -0.97 -0.55 3.34
CA CYS A 8 -2.24 -0.97 2.82
C CYS A 8 -2.42 -2.47 3.02
N ASP A 9 -3.59 -2.97 2.68
CA ASP A 9 -3.91 -4.38 2.69
C ASP A 9 -4.97 -4.59 1.66
N ASN A 10 -4.70 -5.41 0.70
CA ASN A 10 -5.60 -5.61 -0.43
C ASN A 10 -6.83 -6.38 -0.01
N ASP A 11 -6.68 -7.16 1.03
CA ASP A 11 -7.75 -8.02 1.51
C ASP A 11 -8.78 -7.24 2.34
N ARG A 12 -8.30 -6.59 3.37
CA ARG A 12 -9.19 -5.90 4.33
C ARG A 12 -9.17 -4.40 4.21
N GLY A 13 -8.26 -3.89 3.44
CA GLY A 13 -8.13 -2.46 3.32
C GLY A 13 -7.16 -1.91 4.34
N PRO A 14 -6.69 -0.67 4.21
CA PRO A 14 -7.07 0.21 3.10
C PRO A 14 -6.28 -0.10 1.82
N ARG A 15 -6.67 0.52 0.75
CA ARG A 15 -6.00 0.37 -0.52
C ARG A 15 -5.58 1.74 -1.01
N CYS A 16 -4.53 1.77 -1.78
CA CYS A 16 -3.96 3.01 -2.26
C CYS A 16 -4.63 3.46 -3.51
N CYS A 17 -4.52 4.74 -3.78
CA CYS A 17 -5.09 5.31 -4.97
C CYS A 17 -4.33 4.76 -6.20
N SER A 18 -4.98 4.71 -7.35
CA SER A 18 -4.45 4.06 -8.56
C SER A 18 -2.96 4.41 -8.91
N GLY A 19 -2.60 5.67 -8.85
CA GLY A 19 -1.24 6.06 -9.18
C GLY A 19 -0.36 6.20 -7.96
N GLN A 20 -0.75 5.56 -6.88
CA GLN A 20 -0.01 5.63 -5.64
C GLN A 20 0.78 4.36 -5.38
N GLY A 21 1.07 3.64 -6.42
CA GLY A 21 1.86 2.45 -6.28
C GLY A 21 1.03 1.21 -6.10
N ASN A 22 1.69 0.12 -5.91
CA ASN A 22 1.07 -1.17 -5.70
C ASN A 22 1.51 -1.65 -4.35
N CYS A 23 0.62 -2.31 -3.64
CA CYS A 23 0.92 -2.87 -2.33
C CYS A 23 2.00 -3.93 -2.44
N VAL A 24 3.19 -3.55 -2.08
CA VAL A 24 4.31 -4.41 -2.07
C VAL A 24 4.69 -4.66 -0.62
N PRO A 25 5.00 -5.91 -0.28
CA PRO A 25 5.36 -6.25 1.08
C PRO A 25 6.68 -5.64 1.51
N LEU A 26 6.62 -4.85 2.53
CA LEU A 26 7.76 -4.26 3.12
C LEU A 26 7.88 -4.82 4.52
N PRO A 27 8.83 -5.74 4.75
CA PRO A 27 9.00 -6.43 6.04
C PRO A 27 9.53 -5.53 7.16
N PHE A 28 8.82 -4.47 7.39
CA PHE A 28 9.10 -3.48 8.39
C PHE A 28 7.79 -2.91 8.88
N LEU A 29 7.06 -2.26 7.98
CA LEU A 29 5.77 -1.65 8.33
C LEU A 29 4.60 -2.48 7.82
N GLY A 30 4.85 -3.33 6.87
CA GLY A 30 3.81 -4.13 6.27
C GLY A 30 3.75 -3.85 4.79
N GLY A 31 2.69 -4.26 4.15
CA GLY A 31 2.56 -3.99 2.74
C GLY A 31 2.27 -2.54 2.51
N VAL A 32 3.08 -1.94 1.71
CA VAL A 32 2.98 -0.52 1.43
C VAL A 32 2.94 -0.32 -0.05
N CYS A 33 2.35 0.74 -0.49
CA CYS A 33 2.31 1.00 -1.90
C CYS A 33 3.53 1.72 -2.35
N ALA A 34 4.27 1.07 -3.20
CA ALA A 34 5.48 1.62 -3.73
C ALA A 34 5.70 1.09 -5.13
N VAL A 35 6.63 1.68 -5.83
CA VAL A 35 7.03 1.27 -7.16
C VAL A 35 8.53 1.42 -7.21
N CYS A 1 -8.61 6.01 0.55
CA CYS A 1 -7.49 5.29 -0.03
C CYS A 1 -6.19 5.88 0.52
N VAL A 2 -5.09 5.19 0.32
CA VAL A 2 -3.79 5.64 0.80
C VAL A 2 -2.84 5.92 -0.35
N LEU A 3 -1.84 6.71 -0.08
CA LEU A 3 -0.90 7.14 -1.09
C LEU A 3 0.42 6.41 -0.95
N ILE A 4 1.37 6.75 -1.81
CA ILE A 4 2.70 6.16 -1.81
C ILE A 4 3.41 6.31 -0.45
N GLY A 5 4.05 5.24 -0.02
CA GLY A 5 4.80 5.25 1.22
C GLY A 5 3.98 4.86 2.42
N GLN A 6 2.69 4.85 2.25
CA GLN A 6 1.78 4.52 3.32
C GLN A 6 1.54 3.04 3.38
N ARG A 7 1.04 2.61 4.50
CA ARG A 7 0.80 1.22 4.82
C ARG A 7 -0.54 0.81 4.26
N CYS A 8 -0.53 -0.20 3.46
CA CYS A 8 -1.72 -0.64 2.81
C CYS A 8 -1.85 -2.16 2.87
N ASP A 9 -3.01 -2.64 2.53
CA ASP A 9 -3.29 -4.06 2.45
C ASP A 9 -4.29 -4.27 1.34
N ASN A 10 -3.97 -5.19 0.48
CA ASN A 10 -4.71 -5.43 -0.75
C ASN A 10 -6.11 -5.94 -0.51
N ASP A 11 -6.26 -6.81 0.46
CA ASP A 11 -7.56 -7.44 0.69
C ASP A 11 -8.37 -6.69 1.73
N ARG A 12 -7.77 -6.45 2.87
CA ARG A 12 -8.47 -5.89 4.00
C ARG A 12 -8.55 -4.39 3.94
N GLY A 13 -7.62 -3.79 3.24
CA GLY A 13 -7.56 -2.36 3.20
C GLY A 13 -6.50 -1.87 4.17
N PRO A 14 -6.03 -0.64 4.06
CA PRO A 14 -6.48 0.30 3.05
C PRO A 14 -5.79 0.04 1.71
N ARG A 15 -6.38 0.51 0.67
CA ARG A 15 -5.87 0.33 -0.65
C ARG A 15 -5.31 1.62 -1.18
N CYS A 16 -4.31 1.50 -2.02
CA CYS A 16 -3.66 2.61 -2.65
C CYS A 16 -4.64 3.31 -3.56
N CYS A 17 -4.58 4.62 -3.62
CA CYS A 17 -5.43 5.39 -4.52
C CYS A 17 -5.06 5.00 -5.94
N SER A 18 -6.05 4.95 -6.83
CA SER A 18 -5.88 4.51 -8.21
C SER A 18 -4.75 5.25 -8.97
N GLY A 19 -3.55 4.72 -8.84
CA GLY A 19 -2.40 5.31 -9.46
C GLY A 19 -1.33 5.63 -8.43
N GLN A 20 -1.33 4.89 -7.34
CA GLN A 20 -0.36 5.06 -6.28
C GLN A 20 0.52 3.85 -6.11
N GLY A 21 0.73 3.16 -7.20
CA GLY A 21 1.59 2.03 -7.18
C GLY A 21 0.87 0.78 -6.78
N ASN A 22 1.60 -0.10 -6.18
CA ASN A 22 1.07 -1.36 -5.70
C ASN A 22 1.53 -1.52 -4.29
N CYS A 23 0.84 -2.36 -3.55
CA CYS A 23 1.24 -2.66 -2.20
C CYS A 23 2.38 -3.64 -2.23
N VAL A 24 3.56 -3.13 -2.06
CA VAL A 24 4.72 -3.96 -1.99
C VAL A 24 4.94 -4.33 -0.51
N PRO A 25 4.92 -5.61 -0.19
CA PRO A 25 5.04 -6.07 1.17
C PRO A 25 6.48 -5.97 1.72
N LEU A 26 6.57 -5.45 2.91
CA LEU A 26 7.81 -5.28 3.60
C LEU A 26 7.64 -5.74 5.03
N PRO A 27 8.56 -6.58 5.51
CA PRO A 27 8.47 -7.22 6.84
C PRO A 27 8.73 -6.26 8.01
N PHE A 28 7.98 -5.19 8.05
CA PHE A 28 8.08 -4.20 9.10
C PHE A 28 6.70 -3.68 9.41
N LEU A 29 6.13 -2.98 8.45
CA LEU A 29 4.81 -2.39 8.61
C LEU A 29 3.74 -3.12 7.81
N GLY A 30 4.14 -4.15 7.10
CA GLY A 30 3.19 -4.90 6.31
C GLY A 30 3.42 -4.68 4.84
N GLY A 31 2.82 -3.66 4.30
CA GLY A 31 2.99 -3.36 2.90
C GLY A 31 2.81 -1.90 2.65
N VAL A 32 3.50 -1.39 1.66
CA VAL A 32 3.43 0.04 1.32
C VAL A 32 3.15 0.24 -0.15
N CYS A 33 2.40 1.29 -0.45
CA CYS A 33 2.12 1.68 -1.82
C CYS A 33 3.38 2.25 -2.44
N ALA A 34 3.83 1.65 -3.52
CA ALA A 34 5.03 2.09 -4.19
C ALA A 34 4.86 1.98 -5.67
N VAL A 35 5.29 3.00 -6.39
CA VAL A 35 5.24 2.98 -7.83
C VAL A 35 6.52 2.36 -8.34
N CYS A 1 -8.47 5.19 0.62
CA CYS A 1 -7.29 4.64 0.00
C CYS A 1 -6.06 5.40 0.47
N VAL A 2 -4.90 4.78 0.38
CA VAL A 2 -3.66 5.39 0.82
C VAL A 2 -2.78 5.76 -0.36
N LEU A 3 -1.83 6.61 -0.09
CA LEU A 3 -0.96 7.15 -1.09
C LEU A 3 0.42 6.51 -0.99
N ILE A 4 1.35 6.99 -1.81
CA ILE A 4 2.73 6.47 -1.85
C ILE A 4 3.44 6.56 -0.50
N GLY A 5 4.01 5.45 -0.08
CA GLY A 5 4.77 5.39 1.16
C GLY A 5 3.92 5.01 2.34
N GLN A 6 2.63 5.07 2.16
CA GLN A 6 1.71 4.73 3.20
C GLN A 6 1.43 3.24 3.12
N ARG A 7 0.95 2.71 4.22
CA ARG A 7 0.74 1.31 4.38
C ARG A 7 -0.62 0.90 3.86
N CYS A 8 -0.63 -0.13 3.07
CA CYS A 8 -1.83 -0.64 2.47
C CYS A 8 -1.99 -2.12 2.76
N ASP A 9 -3.22 -2.57 2.69
CA ASP A 9 -3.56 -3.97 2.87
C ASP A 9 -4.58 -4.30 1.82
N ASN A 10 -4.34 -5.31 1.05
CA ASN A 10 -5.25 -5.67 -0.02
C ASN A 10 -6.45 -6.41 0.49
N ASP A 11 -6.25 -7.18 1.54
CA ASP A 11 -7.31 -8.04 2.06
C ASP A 11 -8.38 -7.24 2.76
N ARG A 12 -8.00 -6.42 3.69
CA ARG A 12 -8.96 -5.66 4.46
C ARG A 12 -8.97 -4.19 4.10
N GLY A 13 -7.94 -3.72 3.46
CA GLY A 13 -7.88 -2.32 3.15
C GLY A 13 -7.16 -1.57 4.25
N PRO A 14 -6.79 -0.31 4.03
CA PRO A 14 -7.01 0.40 2.76
C PRO A 14 -5.98 0.02 1.70
N ARG A 15 -6.30 0.25 0.47
CA ARG A 15 -5.41 -0.03 -0.63
C ARG A 15 -4.91 1.26 -1.20
N CYS A 16 -4.05 1.19 -2.17
CA CYS A 16 -3.50 2.38 -2.79
C CYS A 16 -4.57 3.08 -3.62
N CYS A 17 -4.53 4.40 -3.64
CA CYS A 17 -5.42 5.15 -4.51
C CYS A 17 -4.97 4.89 -5.94
N SER A 18 -5.92 4.83 -6.86
CA SER A 18 -5.68 4.48 -8.27
C SER A 18 -4.55 5.33 -8.88
N GLY A 19 -3.37 4.74 -8.94
CA GLY A 19 -2.23 5.42 -9.52
C GLY A 19 -1.12 5.61 -8.51
N GLN A 20 -1.42 5.37 -7.25
CA GLN A 20 -0.47 5.57 -6.16
C GLN A 20 0.44 4.41 -5.88
N GLY A 21 0.65 3.59 -6.86
CA GLY A 21 1.59 2.53 -6.71
C GLY A 21 0.98 1.20 -6.42
N ASN A 22 1.83 0.26 -6.20
CA ASN A 22 1.49 -1.11 -5.89
C ASN A 22 1.94 -1.37 -4.48
N CYS A 23 1.26 -2.23 -3.79
CA CYS A 23 1.63 -2.57 -2.43
C CYS A 23 2.86 -3.44 -2.39
N VAL A 24 4.00 -2.83 -2.17
CA VAL A 24 5.21 -3.58 -2.02
C VAL A 24 5.25 -4.06 -0.58
N PRO A 25 5.33 -5.36 -0.37
CA PRO A 25 5.26 -5.94 0.95
C PRO A 25 6.60 -5.99 1.67
N LEU A 26 6.65 -5.36 2.81
CA LEU A 26 7.83 -5.36 3.64
C LEU A 26 7.48 -5.99 4.99
N PRO A 27 8.45 -6.67 5.63
CA PRO A 27 8.25 -7.42 6.90
C PRO A 27 7.36 -6.72 7.96
N PHE A 28 7.85 -5.65 8.54
CA PHE A 28 7.16 -5.01 9.66
C PHE A 28 6.23 -3.90 9.21
N LEU A 29 6.44 -3.45 8.01
CA LEU A 29 5.61 -2.38 7.45
C LEU A 29 4.36 -2.95 6.78
N GLY A 30 4.35 -4.25 6.56
CA GLY A 30 3.21 -4.89 5.93
C GLY A 30 3.28 -4.74 4.42
N GLY A 31 2.90 -3.59 3.96
CA GLY A 31 2.91 -3.28 2.57
C GLY A 31 2.74 -1.82 2.37
N VAL A 32 3.53 -1.26 1.49
CA VAL A 32 3.47 0.17 1.22
C VAL A 32 3.28 0.44 -0.26
N CYS A 33 2.52 1.45 -0.56
CA CYS A 33 2.26 1.85 -1.93
C CYS A 33 3.51 2.48 -2.56
N ALA A 34 4.05 1.80 -3.55
CA ALA A 34 5.22 2.28 -4.26
C ALA A 34 5.15 1.82 -5.70
N VAL A 35 5.84 2.53 -6.59
CA VAL A 35 5.88 2.23 -8.02
C VAL A 35 4.49 2.44 -8.63
N CYS A 1 -8.31 5.19 0.58
CA CYS A 1 -7.12 4.65 -0.06
C CYS A 1 -5.90 5.43 0.38
N VAL A 2 -4.74 4.82 0.26
CA VAL A 2 -3.50 5.45 0.67
C VAL A 2 -2.64 5.79 -0.55
N LEU A 3 -1.66 6.61 -0.34
CA LEU A 3 -0.78 7.06 -1.39
C LEU A 3 0.55 6.32 -1.29
N ILE A 4 1.47 6.63 -2.18
CA ILE A 4 2.80 6.01 -2.18
C ILE A 4 3.54 6.27 -0.86
N GLY A 5 4.11 5.21 -0.31
CA GLY A 5 4.88 5.29 0.91
C GLY A 5 4.04 5.05 2.15
N GLN A 6 2.74 5.03 1.98
CA GLN A 6 1.86 4.82 3.09
C GLN A 6 1.50 3.35 3.21
N ARG A 7 1.10 2.96 4.40
CA ARG A 7 0.85 1.57 4.72
C ARG A 7 -0.57 1.17 4.33
N CYS A 8 -0.66 0.15 3.53
CA CYS A 8 -1.90 -0.38 3.05
C CYS A 8 -2.03 -1.85 3.47
N ASP A 9 -3.22 -2.40 3.36
CA ASP A 9 -3.47 -3.80 3.63
C ASP A 9 -4.12 -4.38 2.42
N ASN A 10 -3.54 -5.43 1.90
CA ASN A 10 -3.95 -6.00 0.62
C ASN A 10 -5.26 -6.74 0.70
N ASP A 11 -5.51 -7.36 1.83
CA ASP A 11 -6.70 -8.20 1.96
C ASP A 11 -7.86 -7.42 2.49
N ARG A 12 -7.64 -6.72 3.56
CA ARG A 12 -8.71 -6.07 4.27
C ARG A 12 -8.79 -4.58 4.00
N GLY A 13 -7.81 -4.05 3.34
CA GLY A 13 -7.82 -2.64 3.02
C GLY A 13 -7.27 -1.78 4.14
N PRO A 14 -7.00 -0.49 3.90
CA PRO A 14 -7.19 0.15 2.59
C PRO A 14 -5.99 -0.12 1.67
N ARG A 15 -6.16 0.17 0.40
CA ARG A 15 -5.09 -0.01 -0.56
C ARG A 15 -4.74 1.29 -1.25
N CYS A 16 -3.88 1.22 -2.22
CA CYS A 16 -3.40 2.39 -2.96
C CYS A 16 -4.55 3.12 -3.68
N CYS A 17 -4.45 4.44 -3.74
CA CYS A 17 -5.36 5.22 -4.57
C CYS A 17 -5.00 4.98 -6.02
N SER A 18 -5.86 5.37 -6.94
CA SER A 18 -5.62 5.17 -8.34
C SER A 18 -4.45 6.06 -8.79
N GLY A 19 -3.34 5.42 -9.11
CA GLY A 19 -2.17 6.15 -9.54
C GLY A 19 -1.16 6.27 -8.42
N GLN A 20 -1.19 5.34 -7.48
CA GLN A 20 -0.29 5.37 -6.34
C GLN A 20 0.47 4.06 -6.21
N GLY A 21 0.81 3.47 -7.33
CA GLY A 21 1.57 2.23 -7.32
C GLY A 21 0.74 1.07 -6.83
N ASN A 22 1.42 0.06 -6.39
CA ASN A 22 0.77 -1.11 -5.83
C ASN A 22 1.39 -1.35 -4.48
N CYS A 23 0.69 -2.06 -3.64
CA CYS A 23 1.16 -2.39 -2.33
C CYS A 23 2.33 -3.34 -2.40
N VAL A 24 3.50 -2.82 -2.16
CA VAL A 24 4.69 -3.60 -2.10
C VAL A 24 4.88 -3.99 -0.65
N PRO A 25 4.91 -5.28 -0.37
CA PRO A 25 5.07 -5.77 0.99
C PRO A 25 6.46 -5.46 1.53
N LEU A 26 6.49 -5.03 2.74
CA LEU A 26 7.71 -4.77 3.45
C LEU A 26 7.54 -5.45 4.81
N PRO A 27 8.40 -6.46 5.12
CA PRO A 27 8.26 -7.37 6.30
C PRO A 27 8.38 -6.70 7.69
N PHE A 28 7.61 -5.66 7.91
CA PHE A 28 7.56 -4.96 9.17
C PHE A 28 6.14 -4.50 9.42
N LEU A 29 5.69 -3.61 8.56
CA LEU A 29 4.40 -2.95 8.73
C LEU A 29 3.32 -3.51 7.80
N GLY A 30 3.69 -4.43 6.96
CA GLY A 30 2.75 -4.97 6.02
C GLY A 30 3.11 -4.62 4.61
N GLY A 31 2.42 -3.67 4.04
CA GLY A 31 2.70 -3.26 2.71
C GLY A 31 2.60 -1.78 2.55
N VAL A 32 3.34 -1.25 1.61
CA VAL A 32 3.33 0.18 1.30
C VAL A 32 3.20 0.36 -0.20
N CYS A 33 2.42 1.32 -0.59
CA CYS A 33 2.21 1.61 -2.00
C CYS A 33 3.48 2.19 -2.64
N ALA A 34 3.90 1.60 -3.74
CA ALA A 34 5.09 2.02 -4.44
C ALA A 34 5.10 1.41 -5.82
N VAL A 35 5.86 2.04 -6.72
CA VAL A 35 6.06 1.60 -8.10
C VAL A 35 4.74 1.49 -8.86
N CYS A 1 -8.65 5.58 -0.10
CA CYS A 1 -7.48 4.90 -0.59
C CYS A 1 -6.23 5.60 -0.08
N VAL A 2 -5.12 4.92 0.00
CA VAL A 2 -3.88 5.51 0.49
C VAL A 2 -2.91 5.77 -0.64
N LEU A 3 -1.91 6.58 -0.34
CA LEU A 3 -0.98 7.05 -1.33
C LEU A 3 0.38 6.37 -1.13
N ILE A 4 1.35 6.69 -1.98
CA ILE A 4 2.69 6.11 -1.90
C ILE A 4 3.36 6.36 -0.53
N GLY A 5 3.99 5.33 -0.02
CA GLY A 5 4.69 5.42 1.23
C GLY A 5 3.84 5.03 2.41
N GLN A 6 2.55 5.15 2.25
CA GLN A 6 1.61 4.84 3.30
C GLN A 6 1.36 3.34 3.34
N ARG A 7 0.97 2.85 4.48
CA ARG A 7 0.81 1.42 4.70
C ARG A 7 -0.55 1.00 4.23
N CYS A 8 -0.57 0.02 3.40
CA CYS A 8 -1.78 -0.46 2.80
C CYS A 8 -1.96 -1.93 3.11
N ASP A 9 -3.11 -2.46 2.75
CA ASP A 9 -3.46 -3.86 2.89
C ASP A 9 -4.48 -4.13 1.82
N ASN A 10 -4.20 -5.11 0.99
CA ASN A 10 -5.05 -5.39 -0.17
C ASN A 10 -6.35 -6.03 0.21
N ASP A 11 -6.32 -6.90 1.19
CA ASP A 11 -7.51 -7.64 1.54
C ASP A 11 -8.40 -6.89 2.50
N ARG A 12 -7.83 -6.35 3.54
CA ARG A 12 -8.64 -5.66 4.52
C ARG A 12 -8.74 -4.18 4.26
N GLY A 13 -7.72 -3.64 3.65
CA GLY A 13 -7.68 -2.21 3.41
C GLY A 13 -6.73 -1.57 4.40
N PRO A 14 -6.27 -0.35 4.14
CA PRO A 14 -6.66 0.45 2.97
C PRO A 14 -5.84 0.07 1.73
N ARG A 15 -6.37 0.37 0.57
CA ARG A 15 -5.71 0.07 -0.67
C ARG A 15 -5.20 1.35 -1.30
N CYS A 16 -4.21 1.21 -2.13
CA CYS A 16 -3.57 2.31 -2.82
C CYS A 16 -4.51 2.93 -3.83
N CYS A 17 -4.45 4.24 -3.96
CA CYS A 17 -5.22 4.91 -4.98
C CYS A 17 -4.64 4.51 -6.33
N SER A 18 -5.45 4.58 -7.36
CA SER A 18 -5.18 4.07 -8.70
C SER A 18 -3.89 4.59 -9.35
N GLY A 19 -3.41 5.74 -8.92
CA GLY A 19 -2.17 6.29 -9.44
C GLY A 19 -1.11 6.36 -8.36
N GLN A 20 -1.27 5.55 -7.33
CA GLN A 20 -0.36 5.54 -6.20
C GLN A 20 0.36 4.21 -6.11
N GLY A 21 0.39 3.51 -7.21
CA GLY A 21 1.10 2.28 -7.25
C GLY A 21 0.32 1.14 -6.67
N ASN A 22 1.06 0.19 -6.16
CA ASN A 22 0.53 -1.00 -5.55
C ASN A 22 1.29 -1.25 -4.29
N CYS A 23 0.79 -2.15 -3.49
CA CYS A 23 1.40 -2.48 -2.24
C CYS A 23 2.65 -3.32 -2.44
N VAL A 24 3.73 -2.85 -1.91
CA VAL A 24 4.94 -3.59 -1.90
C VAL A 24 5.14 -4.06 -0.46
N PRO A 25 5.13 -5.36 -0.25
CA PRO A 25 5.20 -5.92 1.08
C PRO A 25 6.63 -5.97 1.63
N LEU A 26 6.81 -5.39 2.79
CA LEU A 26 8.08 -5.37 3.44
C LEU A 26 7.96 -6.09 4.79
N PRO A 27 9.06 -6.65 5.32
CA PRO A 27 9.05 -7.52 6.49
C PRO A 27 9.06 -6.77 7.82
N PHE A 28 8.18 -5.81 7.95
CA PHE A 28 8.08 -5.03 9.17
C PHE A 28 6.62 -4.73 9.51
N LEU A 29 6.04 -3.76 8.82
CA LEU A 29 4.67 -3.34 9.09
C LEU A 29 3.67 -3.79 8.02
N GLY A 30 4.14 -4.50 7.03
CA GLY A 30 3.27 -4.96 5.99
C GLY A 30 3.64 -4.36 4.66
N GLY A 31 2.67 -3.98 3.90
CA GLY A 31 2.96 -3.42 2.61
C GLY A 31 2.69 -1.95 2.55
N VAL A 32 3.45 -1.28 1.72
CA VAL A 32 3.29 0.15 1.50
C VAL A 32 3.08 0.41 0.02
N CYS A 33 2.30 1.41 -0.30
CA CYS A 33 2.03 1.77 -1.67
C CYS A 33 3.25 2.38 -2.33
N ALA A 34 3.52 1.98 -3.54
CA ALA A 34 4.63 2.48 -4.31
C ALA A 34 4.37 2.20 -5.77
N VAL A 35 4.82 3.07 -6.63
CA VAL A 35 4.60 2.92 -8.05
C VAL A 35 5.75 2.10 -8.62
N CYS A 1 -8.30 5.28 0.77
CA CYS A 1 -7.15 4.74 0.07
C CYS A 1 -5.94 5.57 0.42
N VAL A 2 -4.79 4.95 0.41
CA VAL A 2 -3.55 5.62 0.75
C VAL A 2 -2.76 5.98 -0.48
N LEU A 3 -1.75 6.78 -0.29
CA LEU A 3 -0.96 7.29 -1.38
C LEU A 3 0.43 6.66 -1.38
N ILE A 4 1.30 7.10 -2.28
CA ILE A 4 2.67 6.58 -2.38
C ILE A 4 3.42 6.75 -1.05
N GLY A 5 4.10 5.69 -0.63
CA GLY A 5 4.89 5.71 0.59
C GLY A 5 4.09 5.37 1.82
N GLN A 6 2.79 5.40 1.69
CA GLN A 6 1.91 5.13 2.80
C GLN A 6 1.61 3.65 2.87
N ARG A 7 1.20 3.21 4.04
CA ARG A 7 0.96 1.81 4.27
C ARG A 7 -0.41 1.38 3.89
N CYS A 8 -0.45 0.28 3.22
CA CYS A 8 -1.64 -0.31 2.72
C CYS A 8 -1.59 -1.81 2.91
N ASP A 9 -2.70 -2.45 2.65
CA ASP A 9 -2.77 -3.90 2.68
C ASP A 9 -3.74 -4.32 1.61
N ASN A 10 -3.30 -5.19 0.74
CA ASN A 10 -4.08 -5.68 -0.39
C ASN A 10 -5.28 -6.49 0.02
N ASP A 11 -5.16 -7.20 1.11
CA ASP A 11 -6.20 -8.12 1.50
C ASP A 11 -7.23 -7.49 2.41
N ARG A 12 -6.77 -6.88 3.47
CA ARG A 12 -7.68 -6.31 4.46
C ARG A 12 -8.00 -4.87 4.19
N GLY A 13 -7.10 -4.19 3.52
CA GLY A 13 -7.27 -2.80 3.23
C GLY A 13 -6.66 -1.94 4.33
N PRO A 14 -6.50 -0.63 4.13
CA PRO A 14 -6.86 0.07 2.89
C PRO A 14 -5.83 -0.19 1.80
N ARG A 15 -6.14 0.17 0.60
CA ARG A 15 -5.24 -0.04 -0.49
C ARG A 15 -4.80 1.30 -1.05
N CYS A 16 -3.99 1.27 -2.06
CA CYS A 16 -3.51 2.48 -2.72
C CYS A 16 -4.65 3.11 -3.49
N CYS A 17 -4.64 4.41 -3.60
CA CYS A 17 -5.58 5.05 -4.51
C CYS A 17 -5.13 4.69 -5.91
N SER A 18 -6.06 4.46 -6.82
CA SER A 18 -5.74 4.03 -8.16
C SER A 18 -4.91 5.08 -8.90
N GLY A 19 -3.59 4.84 -8.94
CA GLY A 19 -2.64 5.76 -9.52
C GLY A 19 -1.50 6.07 -8.55
N GLN A 20 -1.63 5.57 -7.33
CA GLN A 20 -0.64 5.79 -6.26
C GLN A 20 0.33 4.61 -6.09
N GLY A 21 0.32 3.69 -7.02
CA GLY A 21 1.26 2.60 -6.97
C GLY A 21 0.65 1.31 -6.50
N ASN A 22 1.50 0.33 -6.29
CA ASN A 22 1.09 -0.98 -5.84
C ASN A 22 1.69 -1.25 -4.49
N CYS A 23 0.96 -1.99 -3.68
CA CYS A 23 1.39 -2.34 -2.35
C CYS A 23 2.50 -3.38 -2.36
N VAL A 24 3.70 -2.94 -2.15
CA VAL A 24 4.80 -3.85 -1.95
C VAL A 24 4.82 -4.18 -0.45
N PRO A 25 4.66 -5.47 -0.08
CA PRO A 25 4.51 -5.84 1.31
C PRO A 25 5.84 -6.00 2.06
N LEU A 26 5.82 -5.56 3.29
CA LEU A 26 6.93 -5.64 4.18
C LEU A 26 6.45 -6.41 5.40
N PRO A 27 7.12 -7.53 5.75
CA PRO A 27 6.73 -8.45 6.84
C PRO A 27 6.12 -7.79 8.09
N PHE A 28 6.82 -6.85 8.68
CA PHE A 28 6.33 -6.21 9.90
C PHE A 28 5.92 -4.78 9.71
N LEU A 29 6.31 -4.20 8.63
CA LEU A 29 5.86 -2.83 8.30
C LEU A 29 4.48 -2.83 7.70
N GLY A 30 4.13 -3.88 7.01
CA GLY A 30 2.85 -3.97 6.38
C GLY A 30 2.99 -4.00 4.89
N GLY A 31 2.81 -2.89 4.28
CA GLY A 31 2.95 -2.78 2.86
C GLY A 31 2.86 -1.35 2.50
N VAL A 32 3.54 -0.94 1.46
CA VAL A 32 3.52 0.46 1.05
C VAL A 32 3.24 0.60 -0.42
N CYS A 33 2.54 1.65 -0.76
CA CYS A 33 2.23 1.98 -2.13
C CYS A 33 3.45 2.57 -2.80
N ALA A 34 3.94 1.90 -3.80
CA ALA A 34 5.10 2.36 -4.49
C ALA A 34 4.94 2.09 -5.97
N VAL A 35 5.52 2.93 -6.77
CA VAL A 35 5.51 2.78 -8.18
C VAL A 35 6.86 3.25 -8.75
N CYS A 1 -8.54 5.17 0.72
CA CYS A 1 -7.38 4.54 0.12
C CYS A 1 -6.14 5.37 0.45
N VAL A 2 -4.96 4.80 0.33
CA VAL A 2 -3.72 5.49 0.68
C VAL A 2 -2.88 5.83 -0.56
N LEU A 3 -1.97 6.77 -0.39
CA LEU A 3 -1.15 7.26 -1.48
C LEU A 3 0.30 6.76 -1.36
N ILE A 4 1.16 7.16 -2.29
CA ILE A 4 2.56 6.73 -2.29
C ILE A 4 3.33 7.18 -1.03
N GLY A 5 3.98 6.22 -0.41
CA GLY A 5 4.73 6.45 0.80
C GLY A 5 3.91 6.17 2.04
N GLN A 6 2.65 5.88 1.83
CA GLN A 6 1.75 5.53 2.89
C GLN A 6 1.58 4.02 2.90
N ARG A 7 1.22 3.50 4.03
CA ARG A 7 1.14 2.07 4.22
C ARG A 7 -0.17 1.50 3.80
N CYS A 8 -0.08 0.36 3.20
CA CYS A 8 -1.16 -0.35 2.61
C CYS A 8 -1.11 -1.79 3.04
N ASP A 9 -2.12 -2.50 2.71
CA ASP A 9 -2.20 -3.94 2.89
C ASP A 9 -3.30 -4.43 2.00
N ASN A 10 -2.94 -5.28 1.08
CA ASN A 10 -3.84 -5.81 0.05
C ASN A 10 -5.06 -6.52 0.61
N ASP A 11 -4.88 -7.28 1.67
CA ASP A 11 -5.99 -8.08 2.20
C ASP A 11 -6.77 -7.33 3.26
N ARG A 12 -6.09 -6.74 4.21
CA ARG A 12 -6.75 -6.05 5.31
C ARG A 12 -7.21 -4.67 4.91
N GLY A 13 -6.35 -3.99 4.21
CA GLY A 13 -6.58 -2.62 3.89
C GLY A 13 -5.66 -1.78 4.76
N PRO A 14 -5.43 -0.52 4.45
CA PRO A 14 -6.03 0.15 3.28
C PRO A 14 -5.29 -0.20 1.99
N ARG A 15 -5.89 0.10 0.87
CA ARG A 15 -5.33 -0.16 -0.42
C ARG A 15 -4.90 1.15 -1.04
N CYS A 16 -3.92 1.08 -1.92
CA CYS A 16 -3.40 2.24 -2.64
C CYS A 16 -4.46 2.74 -3.60
N CYS A 17 -4.61 4.05 -3.69
CA CYS A 17 -5.57 4.66 -4.60
C CYS A 17 -5.13 4.37 -6.04
N SER A 18 -6.07 4.44 -6.97
CA SER A 18 -5.83 4.19 -8.37
C SER A 18 -4.80 5.18 -8.93
N GLY A 19 -3.58 4.70 -9.11
CA GLY A 19 -2.51 5.53 -9.61
C GLY A 19 -1.49 5.82 -8.53
N GLN A 20 -1.51 5.04 -7.49
CA GLN A 20 -0.59 5.22 -6.38
C GLN A 20 0.41 4.09 -6.30
N GLY A 21 1.06 3.83 -7.41
CA GLY A 21 2.06 2.81 -7.45
C GLY A 21 1.49 1.43 -7.35
N ASN A 22 2.19 0.59 -6.67
CA ASN A 22 1.76 -0.76 -6.39
C ASN A 22 1.91 -0.95 -4.92
N CYS A 23 1.04 -1.71 -4.34
CA CYS A 23 1.10 -1.98 -2.92
C CYS A 23 2.10 -3.10 -2.70
N VAL A 24 3.31 -2.73 -2.38
CA VAL A 24 4.36 -3.68 -2.15
C VAL A 24 4.45 -4.00 -0.66
N PRO A 25 4.16 -5.24 -0.28
CA PRO A 25 4.12 -5.66 1.10
C PRO A 25 5.48 -5.85 1.72
N LEU A 26 5.60 -5.46 2.95
CA LEU A 26 6.76 -5.70 3.73
C LEU A 26 6.34 -6.61 4.87
N PRO A 27 7.18 -7.56 5.26
CA PRO A 27 6.87 -8.54 6.31
C PRO A 27 6.91 -7.96 7.72
N PHE A 28 6.17 -6.89 7.94
CA PHE A 28 6.11 -6.27 9.24
C PHE A 28 4.69 -5.84 9.55
N LEU A 29 4.32 -4.66 9.15
CA LEU A 29 3.01 -4.13 9.47
C LEU A 29 2.10 -4.18 8.26
N GLY A 30 2.69 -4.11 7.12
CA GLY A 30 1.97 -4.14 5.91
C GLY A 30 2.85 -3.74 4.77
N GLY A 31 2.28 -3.21 3.76
CA GLY A 31 3.02 -2.80 2.63
C GLY A 31 3.00 -1.32 2.49
N VAL A 32 3.53 -0.85 1.41
CA VAL A 32 3.53 0.57 1.12
C VAL A 32 3.20 0.77 -0.33
N CYS A 33 2.64 1.88 -0.60
CA CYS A 33 2.32 2.27 -1.95
C CYS A 33 3.51 2.96 -2.52
N ALA A 34 4.05 2.44 -3.58
CA ALA A 34 5.24 2.99 -4.17
C ALA A 34 5.17 2.77 -5.65
N VAL A 35 5.58 3.76 -6.40
CA VAL A 35 5.57 3.67 -7.84
C VAL A 35 6.75 2.83 -8.33
N CYS A 1 -8.49 6.09 0.52
CA CYS A 1 -7.40 5.34 -0.10
C CYS A 1 -6.08 5.91 0.36
N VAL A 2 -5.03 5.12 0.32
CA VAL A 2 -3.74 5.54 0.79
C VAL A 2 -2.81 5.88 -0.38
N LEU A 3 -1.88 6.76 -0.14
CA LEU A 3 -0.94 7.19 -1.15
C LEU A 3 0.37 6.40 -1.01
N ILE A 4 1.37 6.76 -1.79
CA ILE A 4 2.66 6.08 -1.73
C ILE A 4 3.29 6.17 -0.32
N GLY A 5 3.93 5.11 0.10
CA GLY A 5 4.59 5.09 1.38
C GLY A 5 3.67 4.65 2.50
N GLN A 6 2.41 4.88 2.31
CA GLN A 6 1.42 4.54 3.29
C GLN A 6 1.14 3.06 3.22
N ARG A 7 0.72 2.51 4.33
CA ARG A 7 0.50 1.09 4.45
C ARG A 7 -0.89 0.73 4.01
N CYS A 8 -1.00 -0.32 3.27
CA CYS A 8 -2.25 -0.75 2.70
C CYS A 8 -2.49 -2.23 2.97
N ASP A 9 -3.70 -2.67 2.71
CA ASP A 9 -4.07 -4.08 2.89
C ASP A 9 -4.79 -4.54 1.65
N ASN A 10 -4.29 -5.57 1.02
CA ASN A 10 -4.84 -6.07 -0.24
C ASN A 10 -6.17 -6.77 -0.06
N ASP A 11 -6.38 -7.30 1.13
CA ASP A 11 -7.57 -8.09 1.40
C ASP A 11 -8.74 -7.21 1.78
N ARG A 12 -8.54 -6.41 2.80
CA ARG A 12 -9.61 -5.65 3.42
C ARG A 12 -9.57 -4.18 3.07
N GLY A 13 -8.42 -3.71 2.73
CA GLY A 13 -8.24 -2.31 2.54
C GLY A 13 -7.69 -1.68 3.81
N PRO A 14 -7.31 -0.41 3.81
CA PRO A 14 -7.38 0.48 2.63
C PRO A 14 -6.33 0.11 1.60
N ARG A 15 -6.53 0.52 0.40
CA ARG A 15 -5.60 0.26 -0.65
C ARG A 15 -5.08 1.55 -1.23
N CYS A 16 -4.16 1.43 -2.13
CA CYS A 16 -3.53 2.58 -2.77
C CYS A 16 -4.55 3.29 -3.63
N CYS A 17 -4.47 4.60 -3.68
CA CYS A 17 -5.28 5.33 -4.63
C CYS A 17 -4.74 4.97 -6.03
N SER A 18 -5.61 4.90 -7.02
CA SER A 18 -5.22 4.50 -8.36
C SER A 18 -4.11 5.39 -8.94
N GLY A 19 -2.91 4.83 -9.03
CA GLY A 19 -1.76 5.58 -9.50
C GLY A 19 -0.73 5.75 -8.41
N GLN A 20 -1.11 5.42 -7.20
CA GLN A 20 -0.23 5.55 -6.04
C GLN A 20 0.53 4.27 -5.78
N GLY A 21 0.75 3.52 -6.82
CA GLY A 21 1.52 2.34 -6.70
C GLY A 21 0.71 1.15 -6.31
N ASN A 22 1.41 0.10 -5.96
CA ASN A 22 0.80 -1.14 -5.57
C ASN A 22 1.41 -1.59 -4.26
N CYS A 23 0.65 -2.34 -3.51
CA CYS A 23 1.05 -2.80 -2.19
C CYS A 23 2.19 -3.80 -2.22
N VAL A 24 3.37 -3.35 -1.88
CA VAL A 24 4.50 -4.20 -1.78
C VAL A 24 4.76 -4.54 -0.29
N PRO A 25 4.67 -5.81 0.09
CA PRO A 25 4.86 -6.23 1.47
C PRO A 25 6.34 -6.28 1.85
N LEU A 26 6.71 -5.53 2.85
CA LEU A 26 8.04 -5.58 3.36
C LEU A 26 7.96 -5.78 4.88
N PRO A 27 8.36 -6.98 5.35
CA PRO A 27 8.21 -7.44 6.77
C PRO A 27 9.00 -6.64 7.84
N PHE A 28 8.85 -5.35 7.82
CA PHE A 28 9.42 -4.47 8.82
C PHE A 28 8.38 -3.42 9.14
N LEU A 29 7.92 -2.78 8.10
CA LEU A 29 6.95 -1.71 8.20
C LEU A 29 5.56 -2.14 7.73
N GLY A 30 5.52 -3.22 6.97
CA GLY A 30 4.25 -3.73 6.48
C GLY A 30 4.19 -3.64 4.97
N GLY A 31 3.00 -3.58 4.43
CA GLY A 31 2.86 -3.45 3.00
C GLY A 31 2.55 -2.05 2.64
N VAL A 32 3.36 -1.50 1.80
CA VAL A 32 3.26 -0.10 1.45
C VAL A 32 3.02 0.08 -0.04
N CYS A 33 2.35 1.15 -0.36
CA CYS A 33 2.10 1.51 -1.73
C CYS A 33 3.36 2.08 -2.35
N ALA A 34 3.86 1.41 -3.35
CA ALA A 34 5.03 1.84 -4.06
C ALA A 34 4.76 1.79 -5.53
N VAL A 35 5.17 2.83 -6.23
CA VAL A 35 4.95 2.91 -7.67
C VAL A 35 5.90 1.95 -8.37
N CYS A 1 -8.31 5.42 0.38
CA CYS A 1 -7.15 4.87 -0.30
C CYS A 1 -5.94 5.65 0.14
N VAL A 2 -4.78 5.06 0.09
CA VAL A 2 -3.59 5.74 0.53
C VAL A 2 -2.71 6.09 -0.65
N LEU A 3 -1.77 6.98 -0.42
CA LEU A 3 -0.90 7.43 -1.49
C LEU A 3 0.46 6.75 -1.36
N ILE A 4 1.40 7.06 -2.25
CA ILE A 4 2.73 6.43 -2.22
C ILE A 4 3.50 6.76 -0.94
N GLY A 5 4.12 5.76 -0.37
CA GLY A 5 4.90 5.91 0.85
C GLY A 5 4.06 5.70 2.08
N GLN A 6 2.76 5.68 1.90
CA GLN A 6 1.83 5.45 2.97
C GLN A 6 1.54 3.99 3.05
N ARG A 7 1.16 3.55 4.22
CA ARG A 7 0.97 2.17 4.50
C ARG A 7 -0.42 1.72 4.14
N CYS A 8 -0.49 0.54 3.67
CA CYS A 8 -1.71 -0.05 3.22
C CYS A 8 -1.68 -1.52 3.55
N ASP A 9 -2.75 -2.22 3.29
CA ASP A 9 -2.78 -3.63 3.57
C ASP A 9 -3.28 -4.36 2.34
N ASN A 10 -2.50 -5.31 1.87
CA ASN A 10 -2.83 -6.07 0.65
C ASN A 10 -4.01 -7.00 0.83
N ASP A 11 -4.23 -7.44 2.05
CA ASP A 11 -5.28 -8.40 2.32
C ASP A 11 -6.57 -7.71 2.71
N ARG A 12 -6.52 -6.90 3.73
CA ARG A 12 -7.73 -6.31 4.30
C ARG A 12 -8.01 -4.92 3.78
N GLY A 13 -7.00 -4.28 3.23
CA GLY A 13 -7.14 -2.92 2.81
C GLY A 13 -6.81 -1.98 3.97
N PRO A 14 -6.74 -0.66 3.77
CA PRO A 14 -6.96 -0.03 2.47
C PRO A 14 -5.76 -0.22 1.55
N ARG A 15 -5.90 0.19 0.32
CA ARG A 15 -4.82 0.10 -0.64
C ARG A 15 -4.56 1.44 -1.28
N CYS A 16 -3.70 1.46 -2.24
CA CYS A 16 -3.31 2.66 -2.96
C CYS A 16 -4.47 3.23 -3.76
N CYS A 17 -4.49 4.55 -3.88
CA CYS A 17 -5.43 5.21 -4.77
C CYS A 17 -5.03 4.82 -6.20
N SER A 18 -6.01 4.75 -7.10
CA SER A 18 -5.77 4.36 -8.49
C SER A 18 -4.81 5.35 -9.16
N GLY A 19 -3.55 4.98 -9.25
CA GLY A 19 -2.54 5.83 -9.81
C GLY A 19 -1.42 6.10 -8.81
N GLN A 20 -1.55 5.51 -7.65
CA GLN A 20 -0.57 5.64 -6.59
C GLN A 20 0.20 4.38 -6.36
N GLY A 21 0.53 3.71 -7.43
CA GLY A 21 1.30 2.52 -7.32
C GLY A 21 0.48 1.36 -6.81
N ASN A 22 1.17 0.40 -6.32
CA ASN A 22 0.58 -0.78 -5.78
C ASN A 22 1.20 -1.08 -4.47
N CYS A 23 0.43 -1.68 -3.59
CA CYS A 23 0.88 -2.09 -2.31
C CYS A 23 1.93 -3.17 -2.42
N VAL A 24 3.11 -2.84 -2.05
CA VAL A 24 4.16 -3.79 -1.97
C VAL A 24 4.22 -4.23 -0.51
N PRO A 25 4.12 -5.52 -0.25
CA PRO A 25 4.09 -6.03 1.10
C PRO A 25 5.49 -6.08 1.72
N LEU A 26 5.54 -5.84 3.01
CA LEU A 26 6.75 -5.88 3.79
C LEU A 26 6.50 -6.74 5.02
N PRO A 27 7.54 -7.47 5.50
CA PRO A 27 7.44 -8.40 6.65
C PRO A 27 6.61 -7.88 7.83
N PHE A 28 7.10 -6.88 8.51
CA PHE A 28 6.41 -6.37 9.70
C PHE A 28 5.71 -5.07 9.42
N LEU A 29 6.19 -4.34 8.44
CA LEU A 29 5.61 -3.07 8.04
C LEU A 29 4.22 -3.31 7.46
N GLY A 30 4.03 -4.45 6.84
CA GLY A 30 2.75 -4.77 6.30
C GLY A 30 2.72 -4.53 4.82
N GLY A 31 2.38 -3.34 4.44
CA GLY A 31 2.33 -3.02 3.06
C GLY A 31 2.43 -1.55 2.85
N VAL A 32 3.03 -1.15 1.77
CA VAL A 32 3.17 0.27 1.47
C VAL A 32 2.96 0.50 -0.01
N CYS A 33 2.45 1.64 -0.32
CA CYS A 33 2.20 2.02 -1.70
C CYS A 33 3.45 2.55 -2.36
N ALA A 34 3.72 2.07 -3.55
CA ALA A 34 4.87 2.46 -4.28
C ALA A 34 4.61 2.23 -5.73
N VAL A 35 5.07 3.13 -6.55
CA VAL A 35 4.95 2.97 -7.98
C VAL A 35 6.03 2.02 -8.46
N CYS A 1 -8.80 6.20 -0.23
CA CYS A 1 -7.65 5.45 -0.67
C CYS A 1 -6.39 6.12 -0.16
N VAL A 2 -5.36 5.33 0.09
CA VAL A 2 -4.11 5.86 0.59
C VAL A 2 -3.12 6.09 -0.53
N LEU A 3 -2.05 6.76 -0.23
CA LEU A 3 -1.08 7.10 -1.24
C LEU A 3 0.24 6.39 -0.98
N ILE A 4 1.24 6.69 -1.81
CA ILE A 4 2.59 6.15 -1.66
C ILE A 4 3.17 6.33 -0.24
N GLY A 5 3.94 5.37 0.20
CA GLY A 5 4.58 5.40 1.51
C GLY A 5 3.65 5.01 2.65
N GLN A 6 2.37 5.00 2.39
CA GLN A 6 1.41 4.59 3.38
C GLN A 6 1.24 3.10 3.34
N ARG A 7 0.76 2.57 4.44
CA ARG A 7 0.59 1.15 4.59
C ARG A 7 -0.75 0.74 4.04
N CYS A 8 -0.70 -0.18 3.16
CA CYS A 8 -1.82 -0.66 2.44
C CYS A 8 -2.05 -2.13 2.70
N ASP A 9 -3.22 -2.59 2.37
CA ASP A 9 -3.55 -3.99 2.46
C ASP A 9 -4.55 -4.31 1.38
N ASN A 10 -4.23 -5.29 0.58
CA ASN A 10 -5.05 -5.62 -0.60
C ASN A 10 -6.31 -6.37 -0.23
N ASP A 11 -6.29 -7.01 0.92
CA ASP A 11 -7.41 -7.85 1.32
C ASP A 11 -8.42 -7.05 2.11
N ARG A 12 -7.94 -6.43 3.14
CA ARG A 12 -8.77 -5.75 4.12
C ARG A 12 -8.81 -4.26 3.89
N GLY A 13 -7.76 -3.75 3.31
CA GLY A 13 -7.65 -2.32 3.14
C GLY A 13 -6.71 -1.75 4.18
N PRO A 14 -6.30 -0.48 4.08
CA PRO A 14 -6.72 0.41 3.00
C PRO A 14 -5.91 0.15 1.72
N ARG A 15 -6.49 0.49 0.62
CA ARG A 15 -5.86 0.30 -0.66
C ARG A 15 -5.43 1.66 -1.20
N CYS A 16 -4.33 1.66 -1.90
CA CYS A 16 -3.81 2.87 -2.48
C CYS A 16 -4.62 3.27 -3.67
N CYS A 17 -4.67 4.56 -3.90
CA CYS A 17 -5.47 5.15 -4.97
C CYS A 17 -5.04 4.56 -6.30
N SER A 18 -6.00 4.31 -7.19
CA SER A 18 -5.68 3.73 -8.48
C SER A 18 -4.92 4.77 -9.32
N GLY A 19 -3.62 4.62 -9.30
CA GLY A 19 -2.72 5.57 -9.90
C GLY A 19 -1.51 5.71 -9.02
N GLN A 20 -1.69 5.31 -7.75
CA GLN A 20 -0.65 5.32 -6.77
C GLN A 20 0.23 4.10 -6.88
N GLY A 21 1.20 3.99 -6.00
CA GLY A 21 2.16 2.90 -6.02
C GLY A 21 1.52 1.53 -5.80
N ASN A 22 2.31 0.52 -6.03
CA ASN A 22 1.89 -0.85 -5.83
C ASN A 22 2.11 -1.20 -4.40
N CYS A 23 1.19 -1.92 -3.83
CA CYS A 23 1.27 -2.30 -2.45
C CYS A 23 2.27 -3.43 -2.30
N VAL A 24 3.46 -3.10 -1.85
CA VAL A 24 4.48 -4.07 -1.69
C VAL A 24 4.53 -4.45 -0.22
N PRO A 25 4.20 -5.70 0.10
CA PRO A 25 4.23 -6.17 1.46
C PRO A 25 5.66 -6.33 1.94
N LEU A 26 6.00 -5.64 2.99
CA LEU A 26 7.30 -5.72 3.57
C LEU A 26 7.20 -6.27 4.97
N PRO A 27 7.89 -7.37 5.24
CA PRO A 27 7.86 -8.08 6.54
C PRO A 27 8.61 -7.34 7.65
N PHE A 28 8.43 -6.04 7.70
CA PHE A 28 9.08 -5.20 8.67
C PHE A 28 8.07 -4.22 9.24
N LEU A 29 7.62 -3.32 8.39
CA LEU A 29 6.65 -2.29 8.79
C LEU A 29 5.27 -2.56 8.20
N GLY A 30 5.16 -3.57 7.38
CA GLY A 30 3.92 -3.84 6.72
C GLY A 30 4.06 -3.57 5.25
N GLY A 31 2.97 -3.65 4.54
CA GLY A 31 3.00 -3.38 3.14
C GLY A 31 2.75 -1.95 2.84
N VAL A 32 3.57 -1.39 2.01
CA VAL A 32 3.49 0.01 1.65
C VAL A 32 3.50 0.15 0.14
N CYS A 33 2.82 1.15 -0.34
CA CYS A 33 2.78 1.39 -1.76
C CYS A 33 3.99 2.15 -2.23
N ALA A 34 4.70 1.54 -3.11
CA ALA A 34 5.87 2.10 -3.72
C ALA A 34 5.62 2.17 -5.21
N VAL A 35 6.00 3.25 -5.81
CA VAL A 35 5.76 3.43 -7.21
C VAL A 35 7.03 3.22 -8.03
N CYS A 1 -8.33 5.68 0.64
CA CYS A 1 -7.21 4.98 0.03
C CYS A 1 -5.92 5.63 0.49
N VAL A 2 -4.83 4.92 0.37
CA VAL A 2 -3.55 5.43 0.78
C VAL A 2 -2.67 5.75 -0.40
N LEU A 3 -1.75 6.66 -0.18
CA LEU A 3 -0.88 7.15 -1.24
C LEU A 3 0.49 6.47 -1.15
N ILE A 4 1.41 6.88 -2.02
CA ILE A 4 2.74 6.29 -2.05
C ILE A 4 3.51 6.50 -0.74
N GLY A 5 4.07 5.43 -0.24
CA GLY A 5 4.83 5.46 0.99
C GLY A 5 3.99 5.04 2.18
N GLN A 6 2.69 5.18 2.04
CA GLN A 6 1.75 4.83 3.08
C GLN A 6 1.51 3.33 3.08
N ARG A 7 1.12 2.83 4.22
CA ARG A 7 0.97 1.42 4.46
C ARG A 7 -0.41 0.96 4.03
N CYS A 8 -0.47 -0.17 3.40
CA CYS A 8 -1.69 -0.71 2.88
C CYS A 8 -1.78 -2.20 3.15
N ASP A 9 -2.96 -2.75 2.96
CA ASP A 9 -3.21 -4.17 3.07
C ASP A 9 -4.17 -4.51 1.96
N ASN A 10 -3.76 -5.39 1.10
CA ASN A 10 -4.48 -5.69 -0.15
C ASN A 10 -5.85 -6.27 0.11
N ASP A 11 -5.97 -7.04 1.16
CA ASP A 11 -7.21 -7.72 1.43
C ASP A 11 -8.11 -6.93 2.35
N ARG A 12 -7.60 -6.54 3.49
CA ARG A 12 -8.43 -5.88 4.49
C ARG A 12 -8.53 -4.39 4.28
N GLY A 13 -7.52 -3.83 3.68
CA GLY A 13 -7.48 -2.42 3.50
C GLY A 13 -6.54 -1.80 4.51
N PRO A 14 -6.11 -0.56 4.31
CA PRO A 14 -6.50 0.25 3.15
C PRO A 14 -5.73 -0.13 1.89
N ARG A 15 -6.20 0.34 0.76
CA ARG A 15 -5.61 0.06 -0.53
C ARG A 15 -5.10 1.35 -1.14
N CYS A 16 -4.24 1.21 -2.12
CA CYS A 16 -3.60 2.33 -2.79
C CYS A 16 -4.60 3.09 -3.62
N CYS A 17 -4.47 4.41 -3.65
CA CYS A 17 -5.31 5.24 -4.51
C CYS A 17 -4.95 4.93 -5.96
N SER A 18 -5.88 5.21 -6.85
CA SER A 18 -5.75 4.95 -8.26
C SER A 18 -4.52 5.65 -8.88
N GLY A 19 -3.44 4.91 -9.00
CA GLY A 19 -2.24 5.46 -9.55
C GLY A 19 -1.28 5.86 -8.45
N GLN A 20 -1.28 5.10 -7.38
CA GLN A 20 -0.36 5.34 -6.27
C GLN A 20 0.47 4.12 -6.00
N GLY A 21 0.80 3.43 -7.07
CA GLY A 21 1.61 2.27 -6.97
C GLY A 21 0.83 1.08 -6.50
N ASN A 22 1.53 0.07 -6.13
CA ASN A 22 0.95 -1.16 -5.66
C ASN A 22 1.60 -1.45 -4.34
N CYS A 23 0.93 -2.23 -3.53
CA CYS A 23 1.43 -2.60 -2.23
C CYS A 23 2.63 -3.50 -2.33
N VAL A 24 3.79 -2.93 -2.21
CA VAL A 24 5.01 -3.66 -2.17
C VAL A 24 5.17 -4.12 -0.72
N PRO A 25 5.36 -5.41 -0.49
CA PRO A 25 5.41 -5.94 0.85
C PRO A 25 6.66 -5.54 1.64
N LEU A 26 6.43 -5.06 2.84
CA LEU A 26 7.48 -4.64 3.76
C LEU A 26 7.35 -5.44 5.04
N PRO A 27 8.47 -5.81 5.68
CA PRO A 27 8.49 -6.66 6.88
C PRO A 27 7.43 -6.28 7.96
N PHE A 28 7.54 -5.09 8.53
CA PHE A 28 6.68 -4.69 9.66
C PHE A 28 5.40 -4.03 9.22
N LEU A 29 5.44 -3.45 8.06
CA LEU A 29 4.30 -2.69 7.57
C LEU A 29 3.34 -3.59 6.80
N GLY A 30 3.82 -4.72 6.40
CA GLY A 30 3.04 -5.61 5.62
C GLY A 30 3.21 -5.29 4.17
N GLY A 31 2.78 -4.11 3.82
CA GLY A 31 2.91 -3.62 2.48
C GLY A 31 2.68 -2.14 2.44
N VAL A 32 3.35 -1.48 1.53
CA VAL A 32 3.16 -0.04 1.34
C VAL A 32 2.97 0.25 -0.15
N CYS A 33 2.24 1.28 -0.45
CA CYS A 33 1.99 1.66 -1.83
C CYS A 33 3.20 2.31 -2.42
N ALA A 34 3.77 1.71 -3.43
CA ALA A 34 4.95 2.27 -4.04
C ALA A 34 4.92 2.05 -5.53
N VAL A 35 5.45 3.01 -6.24
CA VAL A 35 5.55 2.93 -7.68
C VAL A 35 6.79 2.10 -8.05
N CYS A 1 -8.56 5.98 0.09
CA CYS A 1 -7.43 5.17 -0.34
C CYS A 1 -6.15 5.78 0.20
N VAL A 2 -5.05 5.04 0.16
CA VAL A 2 -3.79 5.51 0.68
C VAL A 2 -2.79 5.78 -0.44
N LEU A 3 -1.84 6.67 -0.17
CA LEU A 3 -0.86 7.05 -1.18
C LEU A 3 0.46 6.31 -0.94
N ILE A 4 1.46 6.61 -1.74
CA ILE A 4 2.78 5.98 -1.62
C ILE A 4 3.40 6.18 -0.22
N GLY A 5 3.94 5.12 0.33
CA GLY A 5 4.57 5.17 1.63
C GLY A 5 3.62 4.81 2.75
N GLN A 6 2.35 4.88 2.46
CA GLN A 6 1.32 4.58 3.43
C GLN A 6 1.01 3.09 3.33
N ARG A 7 0.56 2.51 4.43
CA ARG A 7 0.32 1.08 4.46
C ARG A 7 -1.06 0.74 3.95
N CYS A 8 -1.18 -0.41 3.36
CA CYS A 8 -2.40 -0.82 2.74
C CYS A 8 -2.69 -2.28 3.01
N ASP A 9 -3.94 -2.62 2.88
CA ASP A 9 -4.43 -3.98 3.01
C ASP A 9 -5.25 -4.25 1.79
N ASN A 10 -4.92 -5.27 1.08
CA ASN A 10 -5.54 -5.56 -0.22
C ASN A 10 -6.89 -6.21 -0.04
N ASP A 11 -7.05 -6.90 1.05
CA ASP A 11 -8.24 -7.70 1.29
C ASP A 11 -9.31 -6.91 2.02
N ARG A 12 -8.92 -6.15 2.98
CA ARG A 12 -9.86 -5.42 3.81
C ARG A 12 -9.79 -3.93 3.62
N GLY A 13 -8.75 -3.46 2.99
CA GLY A 13 -8.58 -2.04 2.81
C GLY A 13 -7.81 -1.44 3.98
N PRO A 14 -7.31 -0.21 3.86
CA PRO A 14 -7.44 0.61 2.66
C PRO A 14 -6.43 0.21 1.59
N ARG A 15 -6.69 0.54 0.36
CA ARG A 15 -5.79 0.21 -0.71
C ARG A 15 -5.20 1.46 -1.30
N CYS A 16 -4.25 1.28 -2.18
CA CYS A 16 -3.55 2.37 -2.84
C CYS A 16 -4.50 3.09 -3.76
N CYS A 17 -4.40 4.40 -3.82
CA CYS A 17 -5.17 5.15 -4.79
C CYS A 17 -4.62 4.79 -6.15
N SER A 18 -5.47 4.63 -7.15
CA SER A 18 -5.07 4.22 -8.48
C SER A 18 -4.03 5.19 -9.12
N GLY A 19 -2.78 4.83 -8.96
CA GLY A 19 -1.68 5.63 -9.42
C GLY A 19 -0.62 5.78 -8.33
N GLN A 20 -0.94 5.26 -7.15
CA GLN A 20 -0.06 5.35 -5.98
C GLN A 20 0.71 4.07 -5.72
N GLY A 21 0.99 3.34 -6.77
CA GLY A 21 1.80 2.15 -6.63
C GLY A 21 1.01 0.94 -6.24
N ASN A 22 1.72 -0.11 -5.93
CA ASN A 22 1.14 -1.39 -5.53
C ASN A 22 1.51 -1.61 -4.11
N CYS A 23 0.81 -2.51 -3.45
CA CYS A 23 1.12 -2.84 -2.09
C CYS A 23 2.32 -3.75 -2.06
N VAL A 24 3.45 -3.15 -1.82
CA VAL A 24 4.69 -3.84 -1.77
C VAL A 24 4.94 -4.21 -0.32
N PRO A 25 5.24 -5.47 -0.05
CA PRO A 25 5.47 -5.92 1.28
C PRO A 25 6.92 -5.71 1.71
N LEU A 26 7.08 -4.96 2.75
CA LEU A 26 8.36 -4.69 3.33
C LEU A 26 8.42 -5.41 4.67
N PRO A 27 9.43 -6.27 4.87
CA PRO A 27 9.56 -7.15 6.07
C PRO A 27 9.47 -6.44 7.43
N PHE A 28 9.65 -5.13 7.44
CA PHE A 28 9.60 -4.39 8.68
C PHE A 28 8.37 -3.51 8.76
N LEU A 29 7.80 -3.18 7.61
CA LEU A 29 6.69 -2.22 7.57
C LEU A 29 5.36 -2.90 7.29
N GLY A 30 5.42 -4.10 6.80
CA GLY A 30 4.22 -4.78 6.44
C GLY A 30 4.02 -4.67 4.95
N GLY A 31 3.10 -3.85 4.56
CA GLY A 31 2.89 -3.61 3.16
C GLY A 31 2.45 -2.22 2.92
N VAL A 32 3.14 -1.55 2.04
CA VAL A 32 2.90 -0.15 1.74
C VAL A 32 2.81 0.06 0.25
N CYS A 33 2.11 1.10 -0.14
CA CYS A 33 1.95 1.46 -1.53
C CYS A 33 3.24 2.09 -2.03
N ALA A 34 3.83 1.48 -3.02
CA ALA A 34 5.06 1.99 -3.57
C ALA A 34 5.13 1.72 -5.05
N VAL A 35 5.77 2.60 -5.77
CA VAL A 35 5.97 2.44 -7.19
C VAL A 35 7.33 1.77 -7.44
#